data_2RKA
#
_entry.id   2RKA
#
_cell.length_a   60.670
_cell.length_b   119.660
_cell.length_c   90.867
_cell.angle_alpha   90.00
_cell.angle_beta   108.90
_cell.angle_gamma   90.00
#
_symmetry.space_group_name_H-M   'P 1 21 1'
#
loop_
_entity.id
_entity.type
_entity.pdbx_description
1 polymer 'Phosphoenolpyruvate carboxykinase, cytosolic [GTP]'
2 non-polymer '2-PHOSPHOGLYCOLIC ACID'
3 non-polymer 'MANGANESE (II) ION'
4 non-polymer 'SODIUM ION'
5 water water
#
_entity_poly.entity_id   1
_entity_poly.type   'polypeptide(L)'
_entity_poly.pdbx_seq_one_letter_code
;GSMPPQLHNGLDFSAKVIQGSLDSLPQEVRKFVEGNAQLCQPEYIHICDGSEEEYGRLLAHMQEEGVIRKLKKYDNCWLA
LTDPRDVARIESKTVIITQEQRDTVPIPKSGQSQLGRWMSEEDFEKAFNARFPGCMKGRTMYVIPFSMGPLGSPLAKIGI
ELTDSPYVVASMRIMTRMGTSVLEALGDGEFIKCLHSVGCPLPLKKPLVNNWACNPELTLIAHLPDRREIISFGSGYGGN
SLLGKKCFALRIASRLAKEEGWLAEHMLILGITNPEGKKKYLAAAFPSACGKTNLAMMNPTLPGWKVECVGDDIAWMKFD
AQGNLRAINPENGFFGVAPGTSVKTNPNAIKTIQKNTIFTNVAETSDGGVYWEGIDEPLAPGVTITSWKNKEWRPQDEEP
CAHPNSRFCTPASQCPIIDPAWESPEGVPIEGIIFGGRRPAGVPLVYEALSWQHGVFVGAAMRSEATAAAEHKGKVIMHD
PFAMRPFFGYNFGKYLAHWLSMAHRPAAKLPKIFHVNWFRKDKNGKFLWPGFGENSRVLEWMFGRIEGEDSAKLTPIGYV
PKEDALNLKGLGDVNVEELFGISKEFWEKEVEEIDKYLEDQVNADLPYEIERELRALKQRISQM
;
_entity_poly.pdbx_strand_id   A,C
#
loop_
_chem_comp.id
_chem_comp.type
_chem_comp.name
_chem_comp.formula
MN non-polymer 'MANGANESE (II) ION' 'Mn 2'
NA non-polymer 'SODIUM ION' 'Na 1'
PGA non-polymer '2-PHOSPHOGLYCOLIC ACID' 'C2 H5 O6 P'
#
# COMPACT_ATOMS: atom_id res chain seq x y z
N GLN A 6 31.30 21.34 -36.71
CA GLN A 6 32.35 22.17 -36.06
C GLN A 6 33.63 22.26 -36.90
N LEU A 7 34.46 23.26 -36.62
CA LEU A 7 35.70 23.50 -37.37
C LEU A 7 36.93 22.83 -36.76
N HIS A 8 36.85 22.56 -35.47
CA HIS A 8 37.93 21.90 -34.73
C HIS A 8 37.40 20.68 -33.97
N ASN A 9 37.67 20.61 -32.68
CA ASN A 9 37.38 19.41 -31.88
C ASN A 9 36.87 19.75 -30.47
N GLY A 10 36.50 21.01 -30.25
CA GLY A 10 36.25 21.54 -28.91
C GLY A 10 34.85 21.47 -28.32
N LEU A 11 33.84 21.26 -29.16
CA LEU A 11 32.45 21.28 -28.71
C LEU A 11 31.81 19.88 -28.52
N ASP A 12 32.45 18.86 -29.07
CA ASP A 12 31.97 17.48 -28.96
C ASP A 12 32.67 16.78 -27.78
N PHE A 13 31.88 16.47 -26.75
CA PHE A 13 32.41 15.87 -25.53
C PHE A 13 32.33 14.33 -25.52
N SER A 14 32.04 13.74 -26.67
CA SER A 14 31.90 12.29 -26.79
C SER A 14 33.08 11.50 -26.24
N ALA A 15 34.29 11.97 -26.54
CA ALA A 15 35.53 11.30 -26.13
C ALA A 15 35.70 11.18 -24.60
N LYS A 16 34.99 12.03 -23.85
CA LYS A 16 35.09 12.08 -22.40
C LYS A 16 33.96 11.35 -21.65
N VAL A 17 33.04 10.74 -22.39
CA VAL A 17 31.93 10.02 -21.76
C VAL A 17 32.38 8.63 -21.27
N ILE A 18 32.34 8.44 -19.96
CA ILE A 18 32.80 7.17 -19.35
C ILE A 18 31.66 6.20 -19.01
N GLN A 19 30.42 6.69 -19.07
CA GLN A 19 29.25 5.82 -19.04
C GLN A 19 28.12 6.41 -19.86
N GLY A 20 27.51 5.57 -20.70
CA GLY A 20 26.41 6.01 -21.54
C GLY A 20 26.92 6.61 -22.84
N SER A 21 26.09 7.47 -23.41
CA SER A 21 26.35 8.03 -24.73
C SER A 21 25.54 9.31 -24.89
N LEU A 22 26.21 10.37 -25.34
CA LEU A 22 25.55 11.63 -25.63
C LEU A 22 24.57 11.50 -26.80
N ASP A 23 24.90 10.63 -27.76
CA ASP A 23 24.03 10.34 -28.90
C ASP A 23 22.66 9.79 -28.49
N SER A 24 22.63 9.10 -27.36
CA SER A 24 21.43 8.41 -26.87
CA SER A 24 21.40 8.41 -26.92
C SER A 24 20.44 9.34 -26.18
N LEU A 25 20.95 10.42 -25.61
CA LEU A 25 20.15 11.41 -24.90
C LEU A 25 19.16 12.13 -25.80
N PRO A 26 18.00 12.56 -25.25
CA PRO A 26 17.12 13.43 -26.01
C PRO A 26 17.84 14.73 -26.35
N GLN A 27 17.44 15.39 -27.43
CA GLN A 27 18.07 16.60 -27.95
C GLN A 27 18.41 17.61 -26.85
N GLU A 28 17.39 18.05 -26.12
CA GLU A 28 17.55 19.08 -25.09
C GLU A 28 18.40 18.65 -23.89
N VAL A 29 18.40 17.35 -23.58
CA VAL A 29 19.24 16.83 -22.50
C VAL A 29 20.72 16.86 -22.90
N ARG A 30 21.02 16.46 -24.14
CA ARG A 30 22.39 16.56 -24.63
C ARG A 30 22.90 18.01 -24.59
N LYS A 31 22.08 18.93 -25.09
CA LYS A 31 22.42 20.37 -25.11
C LYS A 31 22.73 20.90 -23.70
N PHE A 32 21.94 20.45 -22.72
CA PHE A 32 22.12 20.83 -21.31
C PHE A 32 23.43 20.27 -20.77
N VAL A 33 23.67 18.99 -21.00
CA VAL A 33 24.89 18.32 -20.55
C VAL A 33 26.14 18.92 -21.22
N GLU A 34 26.13 18.98 -22.56
CA GLU A 34 27.29 19.40 -23.34
C GLU A 34 27.64 20.87 -23.11
N GLY A 35 26.63 21.73 -23.11
CA GLY A 35 26.81 23.15 -22.82
C GLY A 35 27.41 23.44 -21.46
N ASN A 36 26.95 22.72 -20.44
CA ASN A 36 27.54 22.85 -19.11
C ASN A 36 28.89 22.16 -18.97
N ALA A 37 29.14 21.12 -19.79
CA ALA A 37 30.49 20.54 -19.88
C ALA A 37 31.48 21.55 -20.47
N GLN A 38 31.05 22.28 -21.48
CA GLN A 38 31.87 23.33 -22.09
C GLN A 38 32.24 24.41 -21.08
N LEU A 39 31.28 24.77 -20.22
CA LEU A 39 31.48 25.78 -19.19
C LEU A 39 32.32 25.29 -18.01
N CYS A 40 31.94 24.15 -17.45
CA CYS A 40 32.54 23.64 -16.20
C CYS A 40 33.86 22.89 -16.40
N GLN A 41 34.08 22.42 -17.63
CA GLN A 41 35.33 21.72 -17.99
CA GLN A 41 35.32 21.71 -18.00
C GLN A 41 35.60 20.45 -17.16
N PRO A 42 34.59 19.55 -17.03
CA PRO A 42 34.88 18.29 -16.33
C PRO A 42 35.85 17.42 -17.14
N GLU A 43 36.62 16.58 -16.45
CA GLU A 43 37.50 15.64 -17.13
C GLU A 43 36.68 14.54 -17.80
N TYR A 44 35.64 14.09 -17.11
CA TYR A 44 34.83 12.94 -17.55
C TYR A 44 33.33 13.26 -17.45
N ILE A 45 32.54 12.58 -18.25
CA ILE A 45 31.08 12.66 -18.14
C ILE A 45 30.51 11.26 -17.94
N HIS A 46 29.77 11.09 -16.85
CA HIS A 46 29.17 9.80 -16.49
C HIS A 46 27.65 9.95 -16.52
N ILE A 47 27.00 9.32 -17.50
CA ILE A 47 25.56 9.35 -17.58
C ILE A 47 25.04 8.22 -16.72
N CYS A 48 24.40 8.57 -15.60
CA CYS A 48 23.96 7.57 -14.63
C CYS A 48 22.84 6.70 -15.18
N ASP A 49 22.95 5.39 -14.92
CA ASP A 49 21.90 4.43 -15.28
C ASP A 49 21.03 4.02 -14.08
N GLY A 50 21.43 4.40 -12.87
CA GLY A 50 20.69 4.08 -11.66
C GLY A 50 20.74 2.62 -11.24
N SER A 51 21.62 1.85 -11.87
CA SER A 51 21.74 0.40 -11.57
C SER A 51 22.42 0.16 -10.23
N GLU A 52 22.20 -1.03 -9.67
CA GLU A 52 22.85 -1.45 -8.42
CA GLU A 52 22.85 -1.44 -8.42
C GLU A 52 24.36 -1.53 -8.60
N GLU A 53 24.80 -2.01 -9.77
CA GLU A 53 26.22 -2.10 -10.11
CA GLU A 53 26.23 -2.10 -10.07
C GLU A 53 26.88 -0.71 -10.00
N GLU A 54 26.28 0.27 -10.67
CA GLU A 54 26.76 1.65 -10.66
C GLU A 54 26.89 2.19 -9.24
N TYR A 55 25.86 1.93 -8.42
CA TYR A 55 25.78 2.41 -7.04
C TYR A 55 26.87 1.78 -6.17
N GLY A 56 27.01 0.46 -6.29
CA GLY A 56 28.05 -0.28 -5.59
C GLY A 56 29.45 0.23 -5.90
N ARG A 57 29.73 0.39 -7.19
CA ARG A 57 31.02 0.89 -7.69
C ARG A 57 31.34 2.31 -7.22
N LEU A 58 30.34 3.17 -7.27
CA LEU A 58 30.44 4.55 -6.80
C LEU A 58 30.78 4.63 -5.32
N LEU A 59 30.07 3.84 -4.50
CA LEU A 59 30.31 3.79 -3.05
C LEU A 59 31.70 3.27 -2.71
N ALA A 60 32.12 2.20 -3.40
CA ALA A 60 33.43 1.62 -3.18
C ALA A 60 34.53 2.63 -3.53
N HIS A 61 34.30 3.40 -4.59
CA HIS A 61 35.24 4.46 -4.99
C HIS A 61 35.37 5.58 -3.96
N MET A 62 34.24 6.05 -3.45
CA MET A 62 34.24 7.05 -2.38
C MET A 62 34.97 6.50 -1.15
N GLN A 63 34.74 5.23 -0.85
CA GLN A 63 35.46 4.53 0.22
C GLN A 63 36.97 4.50 -0.06
N GLU A 64 37.36 4.15 -1.28
CA GLU A 64 38.76 4.07 -1.70
C GLU A 64 39.44 5.45 -1.62
N GLU A 65 38.65 6.51 -1.75
CA GLU A 65 39.16 7.88 -1.70
C GLU A 65 39.13 8.53 -0.31
N GLY A 66 38.50 7.85 0.65
CA GLY A 66 38.34 8.38 2.00
C GLY A 66 37.18 9.34 2.15
N VAL A 67 36.29 9.39 1.17
CA VAL A 67 35.13 10.29 1.20
C VAL A 67 34.01 9.73 2.09
N ILE A 68 33.89 8.40 2.12
N ILE A 68 33.94 8.40 2.17
CA ILE A 68 32.93 7.73 3.00
CA ILE A 68 32.92 7.69 2.93
C ILE A 68 33.57 6.52 3.68
C ILE A 68 33.53 6.47 3.63
N ARG A 69 32.93 6.07 4.75
CA ARG A 69 33.35 4.87 5.47
C ARG A 69 32.20 3.87 5.47
N LYS A 70 32.51 2.58 5.33
CA LYS A 70 31.49 1.54 5.47
C LYS A 70 31.22 1.29 6.95
N LEU A 71 29.95 1.23 7.32
CA LEU A 71 29.54 0.88 8.68
C LEU A 71 29.35 -0.63 8.78
N LYS A 72 30.35 -1.31 9.34
CA LYS A 72 30.43 -2.78 9.33
C LYS A 72 29.34 -3.51 10.12
N LYS A 73 28.68 -2.80 11.04
CA LYS A 73 27.63 -3.41 11.86
C LYS A 73 26.37 -3.70 11.05
N TYR A 74 26.18 -2.96 9.96
CA TYR A 74 24.93 -3.00 9.22
C TYR A 74 25.06 -3.55 7.80
N ASP A 75 23.91 -3.76 7.17
CA ASP A 75 23.84 -4.27 5.80
C ASP A 75 23.92 -3.11 4.82
N ASN A 76 25.08 -2.95 4.17
CA ASN A 76 25.26 -1.93 3.11
C ASN A 76 24.96 -0.49 3.61
N CYS A 77 25.54 -0.13 4.76
CA CYS A 77 25.39 1.23 5.30
C CYS A 77 26.72 1.96 5.33
N TRP A 78 26.64 3.28 5.16
CA TRP A 78 27.81 4.11 4.89
C TRP A 78 27.73 5.40 5.69
N LEU A 79 28.90 5.97 5.99
CA LEU A 79 29.00 7.19 6.77
C LEU A 79 29.88 8.23 6.09
N ALA A 80 29.33 9.45 5.93
CA ALA A 80 30.11 10.60 5.47
C ALA A 80 30.24 11.63 6.60
N LEU A 81 31.46 12.15 6.80
CA LEU A 81 31.70 13.25 7.75
C LEU A 81 32.17 14.46 6.96
N THR A 82 31.53 15.59 7.17
CA THR A 82 31.73 16.76 6.32
C THR A 82 32.72 17.74 6.92
N ASP A 83 33.20 18.65 6.08
CA ASP A 83 33.81 19.91 6.50
C ASP A 83 32.79 20.60 7.42
N PRO A 84 33.22 21.01 8.64
CA PRO A 84 32.35 21.69 9.62
C PRO A 84 31.70 22.98 9.11
N ARG A 85 32.24 23.54 8.02
CA ARG A 85 31.66 24.70 7.36
C ARG A 85 30.46 24.37 6.48
N ASP A 86 30.32 23.11 6.09
CA ASP A 86 29.26 22.69 5.16
C ASP A 86 28.43 21.58 5.82
N VAL A 87 27.46 22.00 6.64
CA VAL A 87 26.74 21.09 7.55
C VAL A 87 25.22 21.19 7.49
N ALA A 88 24.70 22.06 6.61
CA ALA A 88 23.27 22.39 6.57
C ALA A 88 22.89 23.21 5.35
N ARG A 89 21.59 23.19 5.03
CA ARG A 89 20.97 24.17 4.15
C ARG A 89 21.31 25.55 4.68
N ILE A 90 21.71 26.45 3.80
CA ILE A 90 22.03 27.80 4.21
CA ILE A 90 22.04 27.81 4.21
C ILE A 90 21.07 28.81 3.57
N GLU A 91 20.14 29.32 4.38
CA GLU A 91 19.10 30.23 3.92
C GLU A 91 19.66 31.55 3.38
N SER A 92 20.66 32.10 4.08
CA SER A 92 21.26 33.39 3.69
C SER A 92 21.88 33.39 2.28
N LYS A 93 22.21 32.22 1.76
CA LYS A 93 22.81 32.11 0.43
C LYS A 93 21.87 31.44 -0.57
N THR A 94 20.60 31.40 -0.20
CA THR A 94 19.56 30.80 -1.04
C THR A 94 18.66 31.89 -1.61
N VAL A 95 18.55 31.94 -2.94
CA VAL A 95 17.90 33.06 -3.62
C VAL A 95 17.03 32.61 -4.79
N ILE A 96 16.04 33.44 -5.12
CA ILE A 96 15.22 33.22 -6.32
C ILE A 96 15.35 34.44 -7.21
N ILE A 97 15.53 34.17 -8.50
CA ILE A 97 15.74 35.21 -9.49
C ILE A 97 14.48 35.37 -10.33
N THR A 98 13.91 36.58 -10.30
CA THR A 98 12.82 36.97 -11.21
C THR A 98 13.05 38.39 -11.66
N GLN A 99 12.38 38.78 -12.76
CA GLN A 99 12.52 40.13 -13.30
CA GLN A 99 12.51 40.12 -13.31
C GLN A 99 12.14 41.18 -12.27
N GLU A 100 11.01 40.99 -11.60
CA GLU A 100 10.55 41.91 -10.55
C GLU A 100 10.64 41.22 -9.19
N GLN A 101 11.13 41.96 -8.20
CA GLN A 101 11.25 41.43 -6.84
C GLN A 101 9.90 40.95 -6.28
N ARG A 102 8.83 41.68 -6.59
CA ARG A 102 7.50 41.42 -6.03
C ARG A 102 6.90 40.10 -6.47
N ASP A 103 7.38 39.55 -7.58
CA ASP A 103 6.92 38.23 -8.01
C ASP A 103 7.48 37.12 -7.11
N THR A 104 8.60 37.40 -6.46
CA THR A 104 9.30 36.45 -5.60
C THR A 104 8.92 36.60 -4.11
N VAL A 105 8.85 37.84 -3.62
CA VAL A 105 8.49 38.12 -2.23
C VAL A 105 7.57 39.34 -2.18
N PRO A 106 6.65 39.40 -1.17
CA PRO A 106 5.95 40.67 -1.02
C PRO A 106 6.96 41.72 -0.56
N ILE A 107 6.76 42.97 -0.95
CA ILE A 107 7.65 44.05 -0.50
C ILE A 107 7.29 44.41 0.94
N PRO A 108 8.18 44.12 1.90
CA PRO A 108 7.82 44.33 3.31
C PRO A 108 7.81 45.80 3.71
N LYS A 109 6.89 46.16 4.61
CA LYS A 109 6.83 47.53 5.10
C LYS A 109 8.10 47.86 5.89
N SER A 110 8.66 46.87 6.59
CA SER A 110 9.88 47.08 7.41
C SER A 110 11.14 47.13 6.58
N GLY A 111 11.08 46.63 5.35
CA GLY A 111 12.21 46.67 4.45
C GLY A 111 13.04 45.40 4.42
N GLN A 112 12.80 44.51 5.37
CA GLN A 112 13.47 43.22 5.34
C GLN A 112 12.45 42.08 5.37
N SER A 113 12.44 41.29 4.31
CA SER A 113 11.51 40.19 4.17
C SER A 113 12.03 38.94 4.87
N GLN A 114 11.14 38.30 5.62
CA GLN A 114 11.42 36.99 6.17
C GLN A 114 10.84 35.91 5.26
N LEU A 115 10.34 36.30 4.10
CA LEU A 115 9.54 35.37 3.28
C LEU A 115 10.23 34.91 2.00
N GLY A 116 11.52 35.21 1.88
CA GLY A 116 12.32 34.76 0.74
C GLY A 116 13.44 35.74 0.49
N ARG A 117 14.28 35.43 -0.49
CA ARG A 117 15.43 36.27 -0.82
CA ARG A 117 15.43 36.28 -0.82
C ARG A 117 15.55 36.40 -2.33
N TRP A 118 15.21 37.58 -2.83
CA TRP A 118 15.25 37.83 -4.27
C TRP A 118 16.62 38.32 -4.71
N MET A 119 17.07 37.84 -5.88
CA MET A 119 18.26 38.37 -6.51
C MET A 119 17.92 38.78 -7.94
N SER A 120 18.39 39.94 -8.37
CA SER A 120 18.15 40.38 -9.74
C SER A 120 18.87 39.47 -10.74
N GLU A 121 18.38 39.42 -11.98
CA GLU A 121 18.98 38.63 -13.06
CA GLU A 121 19.01 38.58 -12.99
C GLU A 121 20.44 39.05 -13.29
N GLU A 122 20.66 40.37 -13.25
CA GLU A 122 21.97 40.96 -13.49
C GLU A 122 22.98 40.63 -12.38
N ASP A 123 22.51 40.68 -11.13
CA ASP A 123 23.34 40.27 -10.00
C ASP A 123 23.68 38.78 -10.08
N PHE A 124 22.70 37.95 -10.43
CA PHE A 124 22.96 36.52 -10.51
C PHE A 124 23.94 36.17 -11.63
N GLU A 125 23.80 36.82 -12.78
CA GLU A 125 24.71 36.59 -13.90
C GLU A 125 26.18 36.84 -13.51
N LYS A 126 26.42 37.93 -12.78
N LYS A 126 26.43 37.93 -12.78
CA LYS A 126 27.75 38.24 -12.25
CA LYS A 126 27.76 38.24 -12.26
C LYS A 126 28.24 37.16 -11.29
C LYS A 126 28.25 37.17 -11.28
N ALA A 127 27.36 36.74 -10.38
CA ALA A 127 27.67 35.68 -9.41
C ALA A 127 27.97 34.37 -10.12
N PHE A 128 27.14 34.04 -11.10
CA PHE A 128 27.33 32.82 -11.90
C PHE A 128 28.71 32.81 -12.59
N ASN A 129 29.02 33.90 -13.29
CA ASN A 129 30.30 34.04 -13.99
C ASN A 129 31.53 33.97 -13.09
N ALA A 130 31.34 34.29 -11.82
CA ALA A 130 32.42 34.26 -10.84
C ALA A 130 32.61 32.88 -10.21
N ARG A 131 31.78 31.91 -10.59
CA ARG A 131 31.75 30.60 -9.93
C ARG A 131 31.94 29.42 -10.90
N PHE A 132 31.06 29.30 -11.89
CA PHE A 132 31.01 28.09 -12.71
C PHE A 132 32.08 27.84 -13.78
N PRO A 133 32.59 28.91 -14.46
CA PRO A 133 33.61 28.62 -15.48
C PRO A 133 34.80 27.79 -14.95
N GLY A 134 35.00 26.61 -15.54
CA GLY A 134 36.11 25.72 -15.18
C GLY A 134 35.97 24.99 -13.85
N CYS A 135 34.80 25.09 -13.21
CA CYS A 135 34.62 24.62 -11.82
C CYS A 135 34.78 23.11 -11.59
N MET A 136 34.62 22.31 -12.65
CA MET A 136 34.72 20.85 -12.52
C MET A 136 36.03 20.27 -13.07
N LYS A 137 37.00 21.14 -13.35
CA LYS A 137 38.33 20.71 -13.85
C LYS A 137 38.89 19.54 -13.02
N GLY A 138 39.33 18.49 -13.70
CA GLY A 138 39.87 17.29 -13.04
C GLY A 138 38.84 16.37 -12.38
N ARG A 139 37.55 16.68 -12.54
CA ARG A 139 36.48 15.90 -11.92
C ARG A 139 35.50 15.28 -12.94
N THR A 140 34.72 14.33 -12.46
CA THR A 140 33.65 13.72 -13.26
C THR A 140 32.37 14.54 -13.12
N MET A 141 31.76 14.90 -14.24
CA MET A 141 30.41 15.41 -14.24
C MET A 141 29.45 14.24 -14.37
N TYR A 142 28.69 13.99 -13.32
CA TYR A 142 27.65 12.95 -13.31
C TYR A 142 26.34 13.55 -13.81
N VAL A 143 25.64 12.79 -14.65
CA VAL A 143 24.36 13.22 -15.19
C VAL A 143 23.30 12.33 -14.56
N ILE A 144 22.47 12.92 -13.71
CA ILE A 144 21.43 12.19 -12.97
C ILE A 144 20.06 12.48 -13.56
N PRO A 145 19.50 11.53 -14.31
CA PRO A 145 18.12 11.71 -14.77
C PRO A 145 17.18 11.20 -13.69
N PHE A 146 16.35 12.07 -13.14
CA PHE A 146 15.48 11.67 -12.03
C PHE A 146 14.02 12.08 -12.17
N SER A 147 13.14 11.25 -11.63
CA SER A 147 11.73 11.58 -11.54
C SER A 147 11.36 11.90 -10.10
N MET A 148 10.65 13.02 -9.92
CA MET A 148 10.01 13.35 -8.65
C MET A 148 8.58 12.85 -8.70
N GLY A 149 8.32 11.77 -7.99
CA GLY A 149 7.05 11.06 -8.05
C GLY A 149 7.14 9.77 -8.85
N PRO A 150 6.19 8.85 -8.62
CA PRO A 150 6.19 7.57 -9.33
C PRO A 150 6.32 7.80 -10.83
N LEU A 151 7.23 7.06 -11.46
CA LEU A 151 7.47 7.23 -12.89
C LEU A 151 6.17 7.06 -13.67
N GLY A 152 5.81 8.06 -14.46
CA GLY A 152 4.52 8.03 -15.17
C GLY A 152 3.25 8.38 -14.37
N SER A 153 3.40 8.87 -13.14
CA SER A 153 2.30 9.54 -12.45
C SER A 153 2.00 10.81 -13.25
N PRO A 154 0.71 11.12 -13.48
CA PRO A 154 0.39 12.42 -14.08
C PRO A 154 0.84 13.62 -13.24
N LEU A 155 1.17 13.36 -11.96
CA LEU A 155 1.62 14.41 -11.05
CA LEU A 155 1.62 14.38 -11.01
C LEU A 155 3.14 14.46 -10.94
N ALA A 156 3.82 13.48 -11.52
CA ALA A 156 5.28 13.41 -11.50
C ALA A 156 5.94 14.44 -12.42
N LYS A 157 7.15 14.85 -12.06
CA LYS A 157 7.96 15.76 -12.86
CA LYS A 157 7.96 15.73 -12.90
C LYS A 157 9.41 15.27 -12.93
N ILE A 158 10.05 15.48 -14.07
CA ILE A 158 11.41 14.98 -14.29
C ILE A 158 12.45 16.09 -14.21
N GLY A 159 13.61 15.74 -13.67
CA GLY A 159 14.75 16.66 -13.65
C GLY A 159 15.98 15.98 -14.19
N ILE A 160 16.97 16.80 -14.58
CA ILE A 160 18.31 16.32 -14.88
C ILE A 160 19.25 17.13 -14.01
N GLU A 161 19.93 16.45 -13.09
CA GLU A 161 20.94 17.13 -12.27
C GLU A 161 22.34 16.75 -12.73
N LEU A 162 23.14 17.77 -13.02
CA LEU A 162 24.57 17.61 -13.26
C LEU A 162 25.26 17.96 -11.95
N THR A 163 26.22 17.13 -11.55
CA THR A 163 26.97 17.31 -10.32
C THR A 163 28.36 16.70 -10.45
N ASP A 164 29.31 17.25 -9.71
CA ASP A 164 30.66 16.71 -9.65
C ASP A 164 30.89 15.94 -8.34
N SER A 165 29.79 15.59 -7.68
CA SER A 165 29.87 14.90 -6.39
C SER A 165 29.21 13.52 -6.46
N PRO A 166 30.02 12.45 -6.30
CA PRO A 166 29.46 11.11 -6.17
C PRO A 166 28.58 10.92 -4.93
N TYR A 167 28.80 11.71 -3.89
CA TYR A 167 27.92 11.68 -2.71
C TYR A 167 26.48 12.08 -3.08
N VAL A 168 26.36 13.11 -3.91
CA VAL A 168 25.08 13.58 -4.44
C VAL A 168 24.43 12.48 -5.30
N VAL A 169 25.23 11.82 -6.14
CA VAL A 169 24.71 10.72 -6.97
C VAL A 169 24.09 9.60 -6.13
N ALA A 170 24.85 9.11 -5.15
CA ALA A 170 24.40 8.05 -4.26
C ALA A 170 23.11 8.46 -3.50
N SER A 171 23.13 9.66 -2.93
CA SER A 171 22.00 10.21 -2.17
C SER A 171 20.75 10.45 -3.03
N MET A 172 20.94 10.93 -4.25
CA MET A 172 19.86 11.09 -5.21
C MET A 172 19.24 9.76 -5.65
N ARG A 173 20.04 8.70 -5.74
CA ARG A 173 19.51 7.36 -6.03
C ARG A 173 18.48 6.96 -4.97
N ILE A 174 18.76 7.33 -3.72
CA ILE A 174 17.89 7.02 -2.59
C ILE A 174 16.66 7.94 -2.59
N MET A 175 16.91 9.22 -2.82
CA MET A 175 15.89 10.24 -2.59
C MET A 175 14.97 10.53 -3.76
N THR A 176 15.35 10.04 -4.94
CA THR A 176 14.56 10.17 -6.18
C THR A 176 14.53 8.83 -6.91
N ARG A 177 13.68 8.73 -7.93
CA ARG A 177 13.77 7.62 -8.91
C ARG A 177 14.75 8.03 -9.99
N MET A 178 15.90 7.37 -10.07
CA MET A 178 16.88 7.84 -11.03
C MET A 178 17.45 6.75 -11.94
N GLY A 179 17.86 7.17 -13.14
CA GLY A 179 18.53 6.29 -14.07
C GLY A 179 17.89 6.23 -15.45
N THR A 180 18.27 5.21 -16.20
CA THR A 180 17.91 5.05 -17.62
C THR A 180 16.40 5.08 -17.89
N SER A 181 15.61 4.44 -17.05
CA SER A 181 14.15 4.41 -17.23
C SER A 181 13.55 5.83 -17.16
N VAL A 182 14.18 6.72 -16.41
CA VAL A 182 13.75 8.13 -16.38
C VAL A 182 13.97 8.81 -17.74
N LEU A 183 15.17 8.63 -18.30
CA LEU A 183 15.50 9.14 -19.64
C LEU A 183 14.54 8.62 -20.71
N GLU A 184 14.17 7.35 -20.56
CA GLU A 184 13.23 6.73 -21.48
C GLU A 184 11.81 7.27 -21.28
N ALA A 185 11.46 7.58 -20.03
CA ALA A 185 10.14 8.15 -19.73
C ALA A 185 10.04 9.62 -20.19
N LEU A 186 11.18 10.30 -20.22
CA LEU A 186 11.22 11.72 -20.54
C LEU A 186 10.99 11.99 -22.02
N GLY A 187 11.75 11.31 -22.86
CA GLY A 187 11.69 11.52 -24.31
C GLY A 187 12.00 12.97 -24.61
N ASP A 188 11.23 13.58 -25.49
CA ASP A 188 11.46 14.99 -25.83
C ASP A 188 10.69 15.98 -24.95
N GLY A 189 10.23 15.50 -23.79
CA GLY A 189 9.48 16.31 -22.85
C GLY A 189 10.34 17.32 -22.12
N GLU A 190 9.69 18.22 -21.40
CA GLU A 190 10.38 19.22 -20.58
C GLU A 190 10.91 18.62 -19.29
N PHE A 191 11.97 19.24 -18.75
CA PHE A 191 12.57 18.81 -17.52
C PHE A 191 13.15 20.03 -16.78
N ILE A 192 13.32 19.89 -15.47
CA ILE A 192 13.96 20.95 -14.70
C ILE A 192 15.46 20.78 -14.83
N LYS A 193 16.13 21.86 -15.18
CA LYS A 193 17.58 21.89 -15.33
CA LYS A 193 17.57 21.89 -15.33
C LYS A 193 18.24 22.16 -13.99
N CYS A 194 18.99 21.17 -13.49
CA CYS A 194 19.62 21.30 -12.18
C CYS A 194 21.14 21.21 -12.32
N LEU A 195 21.82 22.29 -11.98
CA LEU A 195 23.26 22.34 -12.07
C LEU A 195 23.88 22.48 -10.68
N HIS A 196 24.79 21.57 -10.35
CA HIS A 196 25.46 21.60 -9.06
C HIS A 196 26.98 21.42 -9.17
N SER A 197 27.72 22.22 -8.40
CA SER A 197 29.15 22.00 -8.23
C SER A 197 29.58 22.29 -6.80
N VAL A 198 30.47 21.46 -6.28
CA VAL A 198 31.07 21.67 -4.97
C VAL A 198 32.03 22.87 -5.00
N GLY A 199 32.42 23.28 -6.21
CA GLY A 199 33.24 24.48 -6.40
C GLY A 199 34.72 24.35 -6.09
N CYS A 200 35.28 23.17 -6.31
CA CYS A 200 36.70 22.91 -6.03
C CYS A 200 37.41 22.25 -7.20
N PRO A 201 37.66 23.02 -8.27
CA PRO A 201 38.32 22.43 -9.44
C PRO A 201 39.73 21.97 -9.09
N LEU A 202 40.19 20.90 -9.74
CA LEU A 202 41.58 20.48 -9.55
C LEU A 202 42.49 21.18 -10.56
N PRO A 203 43.73 21.55 -10.15
CA PRO A 203 44.32 21.31 -8.82
C PRO A 203 43.68 22.20 -7.77
N LEU A 204 43.51 21.67 -6.56
CA LEU A 204 42.84 22.40 -5.48
C LEU A 204 43.60 23.68 -5.13
N LYS A 205 42.85 24.77 -5.02
CA LYS A 205 43.40 26.07 -4.67
C LYS A 205 43.43 26.30 -3.15
N LYS A 206 42.59 25.56 -2.42
CA LYS A 206 42.51 25.65 -0.96
C LYS A 206 42.49 24.24 -0.35
N PRO A 207 42.90 24.11 0.94
CA PRO A 207 42.99 22.80 1.59
C PRO A 207 41.66 22.03 1.64
N LEU A 208 41.72 20.73 1.38
CA LEU A 208 40.56 19.87 1.48
C LEU A 208 40.39 19.46 2.95
N VAL A 209 39.25 19.80 3.55
CA VAL A 209 38.99 19.44 4.94
C VAL A 209 38.10 18.20 5.01
N ASN A 210 38.59 17.19 5.73
CA ASN A 210 37.86 15.93 5.96
C ASN A 210 37.41 15.22 4.67
N ASN A 211 38.27 15.26 3.65
CA ASN A 211 37.93 14.74 2.30
C ASN A 211 36.55 15.18 1.79
N TRP A 212 36.15 16.40 2.17
CA TRP A 212 34.82 16.91 1.82
C TRP A 212 34.94 18.21 1.04
N ALA A 213 34.79 18.10 -0.27
CA ALA A 213 34.87 19.26 -1.14
C ALA A 213 33.67 20.19 -0.96
N CYS A 214 33.98 21.46 -0.75
CA CYS A 214 32.99 22.53 -0.62
C CYS A 214 33.71 23.88 -0.80
N ASN A 215 32.94 24.92 -1.06
CA ASN A 215 33.46 26.29 -1.18
C ASN A 215 32.51 27.24 -0.42
N PRO A 216 32.67 27.29 0.91
CA PRO A 216 31.76 28.02 1.80
C PRO A 216 31.59 29.50 1.41
N GLU A 217 32.69 30.16 1.09
CA GLU A 217 32.68 31.59 0.76
C GLU A 217 31.90 31.91 -0.52
N LEU A 218 31.81 30.95 -1.44
CA LEU A 218 31.09 31.17 -2.70
C LEU A 218 29.76 30.41 -2.81
N THR A 219 29.34 29.82 -1.70
CA THR A 219 28.09 29.06 -1.65
C THR A 219 26.91 29.94 -2.06
N LEU A 220 26.15 29.43 -3.03
CA LEU A 220 24.99 30.13 -3.58
C LEU A 220 24.04 29.10 -4.17
N ILE A 221 22.81 29.11 -3.68
CA ILE A 221 21.78 28.18 -4.16
C ILE A 221 20.67 29.00 -4.82
N ALA A 222 20.64 28.96 -6.16
CA ALA A 222 19.75 29.84 -6.93
C ALA A 222 18.64 29.10 -7.67
N HIS A 223 17.50 29.78 -7.81
CA HIS A 223 16.35 29.25 -8.51
C HIS A 223 15.91 30.29 -9.50
N LEU A 224 15.68 29.85 -10.72
CA LEU A 224 15.27 30.73 -11.81
C LEU A 224 14.04 30.07 -12.43
N PRO A 225 12.87 30.26 -11.79
CA PRO A 225 11.65 29.55 -12.17
C PRO A 225 11.22 29.77 -13.62
N ASP A 226 11.46 30.96 -14.16
CA ASP A 226 11.09 31.29 -15.54
CA ASP A 226 11.08 31.28 -15.54
C ASP A 226 11.93 30.52 -16.56
N ARG A 227 13.16 30.16 -16.15
CA ARG A 227 14.10 29.42 -16.99
CA ARG A 227 14.06 29.40 -17.02
C ARG A 227 14.05 27.91 -16.71
N ARG A 228 13.21 27.52 -15.74
CA ARG A 228 13.12 26.13 -15.24
C ARG A 228 14.50 25.60 -14.83
N GLU A 229 15.27 26.44 -14.11
CA GLU A 229 16.65 26.14 -13.74
C GLU A 229 16.90 26.24 -12.25
N ILE A 230 17.68 25.30 -11.73
CA ILE A 230 18.21 25.40 -10.36
C ILE A 230 19.73 25.35 -10.48
N ILE A 231 20.40 26.32 -9.88
CA ILE A 231 21.84 26.46 -10.04
C ILE A 231 22.47 26.62 -8.66
N SER A 232 23.21 25.59 -8.24
CA SER A 232 23.73 25.55 -6.89
C SER A 232 25.24 25.33 -6.87
N PHE A 233 25.95 26.15 -6.11
CA PHE A 233 27.41 26.15 -6.11
C PHE A 233 27.98 26.19 -4.70
N GLY A 234 28.98 25.35 -4.43
CA GLY A 234 29.77 25.50 -3.21
C GLY A 234 29.44 24.63 -2.01
N SER A 235 28.21 24.12 -1.93
CA SER A 235 27.85 23.18 -0.88
C SER A 235 27.56 21.78 -1.42
N GLY A 236 28.06 20.78 -0.70
CA GLY A 236 27.75 19.41 -1.00
C GLY A 236 26.70 18.83 -0.05
N TYR A 237 26.07 19.69 0.74
CA TYR A 237 25.15 19.22 1.80
C TYR A 237 23.66 19.25 1.45
N GLY A 238 22.99 18.14 1.75
CA GLY A 238 21.53 17.98 1.67
C GLY A 238 20.76 18.88 0.73
N GLY A 239 19.99 19.80 1.31
CA GLY A 239 19.13 20.71 0.55
C GLY A 239 19.83 21.64 -0.43
N ASN A 240 21.13 21.83 -0.24
CA ASN A 240 21.91 22.63 -1.19
C ASN A 240 22.33 21.86 -2.43
N SER A 241 22.45 20.54 -2.29
CA SER A 241 23.12 19.71 -3.29
C SER A 241 22.21 18.66 -3.92
N LEU A 242 21.26 18.15 -3.12
CA LEU A 242 20.28 17.19 -3.58
C LEU A 242 19.11 18.00 -4.10
N LEU A 243 19.19 18.35 -5.38
CA LEU A 243 18.37 19.43 -5.93
C LEU A 243 16.90 19.09 -6.11
N GLY A 244 16.57 17.80 -6.13
CA GLY A 244 15.18 17.38 -6.18
C GLY A 244 14.36 17.78 -4.96
N LYS A 245 15.00 17.82 -3.80
CA LYS A 245 14.29 17.89 -2.51
C LYS A 245 13.59 19.22 -2.22
N LYS A 246 14.37 20.25 -1.89
CA LYS A 246 13.78 21.55 -1.56
C LYS A 246 13.71 22.47 -2.77
N CYS A 247 14.80 22.52 -3.54
CA CYS A 247 14.92 23.44 -4.68
C CYS A 247 13.88 23.17 -5.76
N PHE A 248 13.74 21.90 -6.11
CA PHE A 248 12.79 21.43 -7.12
C PHE A 248 11.41 21.22 -6.48
N ALA A 249 11.31 20.28 -5.55
CA ALA A 249 10.00 19.82 -5.06
C ALA A 249 9.21 20.83 -4.21
N LEU A 250 9.89 21.86 -3.70
CA LEU A 250 9.17 22.98 -3.05
C LEU A 250 9.26 24.32 -3.77
N ARG A 251 10.47 24.78 -4.10
CA ARG A 251 10.60 26.15 -4.64
C ARG A 251 10.18 26.27 -6.09
N ILE A 252 10.83 25.54 -6.98
CA ILE A 252 10.40 25.51 -8.37
C ILE A 252 8.96 25.00 -8.46
N ALA A 253 8.68 23.87 -7.81
CA ALA A 253 7.36 23.23 -7.89
C ALA A 253 6.20 24.10 -7.40
N SER A 254 6.40 24.87 -6.33
CA SER A 254 5.31 25.72 -5.82
C SER A 254 4.90 26.77 -6.86
N ARG A 255 5.89 27.29 -7.58
CA ARG A 255 5.62 28.23 -8.65
C ARG A 255 4.92 27.54 -9.84
N LEU A 256 5.40 26.36 -10.23
CA LEU A 256 4.72 25.54 -11.25
C LEU A 256 3.27 25.25 -10.84
N ALA A 257 3.09 24.93 -9.56
CA ALA A 257 1.78 24.63 -8.97
C ALA A 257 0.84 25.82 -9.10
N LYS A 258 1.36 27.02 -8.82
CA LYS A 258 0.62 28.26 -8.99
CA LYS A 258 0.62 28.26 -8.99
C LYS A 258 0.16 28.43 -10.45
N GLU A 259 1.08 28.20 -11.38
CA GLU A 259 0.82 28.34 -12.82
C GLU A 259 -0.24 27.36 -13.32
N GLU A 260 -0.26 26.18 -12.72
CA GLU A 260 -0.92 25.03 -13.32
C GLU A 260 -2.16 24.52 -12.56
N GLY A 261 -2.38 25.06 -11.37
CA GLY A 261 -3.61 24.76 -10.61
C GLY A 261 -3.48 23.74 -9.50
N TRP A 262 -2.27 23.52 -9.00
CA TRP A 262 -2.06 22.51 -7.97
C TRP A 262 -1.23 23.05 -6.81
N LEU A 263 -0.81 22.16 -5.92
CA LEU A 263 -0.13 22.56 -4.70
C LEU A 263 1.12 21.73 -4.44
N ALA A 264 2.23 22.41 -4.18
CA ALA A 264 3.48 21.77 -3.81
C ALA A 264 3.80 22.23 -2.40
N GLU A 265 3.69 21.32 -1.45
CA GLU A 265 3.63 21.69 -0.05
C GLU A 265 4.62 20.94 0.82
N HIS A 266 5.03 21.60 1.91
CA HIS A 266 5.92 21.02 2.90
C HIS A 266 5.14 20.16 3.90
N MET A 267 4.63 19.03 3.41
CA MET A 267 3.70 18.22 4.19
C MET A 267 4.05 16.74 4.15
N LEU A 268 3.98 16.09 5.32
CA LEU A 268 3.88 14.64 5.38
C LEU A 268 2.53 14.18 4.82
N ILE A 269 2.44 12.92 4.45
CA ILE A 269 1.18 12.30 4.05
C ILE A 269 1.12 10.95 4.76
N LEU A 270 0.06 10.74 5.52
CA LEU A 270 -0.14 9.46 6.17
C LEU A 270 -1.53 8.91 5.88
N GLY A 271 -1.65 7.59 5.94
CA GLY A 271 -2.95 6.91 5.88
C GLY A 271 -3.25 6.34 7.26
N ILE A 272 -4.45 6.61 7.76
CA ILE A 272 -4.87 6.10 9.06
C ILE A 272 -6.14 5.25 8.95
N THR A 273 -6.11 4.06 9.55
CA THR A 273 -7.24 3.14 9.52
C THR A 273 -7.78 3.00 10.94
N ASN A 274 -9.10 3.13 11.07
CA ASN A 274 -9.72 2.99 12.38
C ASN A 274 -10.17 1.54 12.67
N PRO A 275 -10.63 1.26 13.90
CA PRO A 275 -11.12 -0.08 14.26
C PRO A 275 -12.40 -0.53 13.55
N GLU A 276 -13.04 0.35 12.78
CA GLU A 276 -14.24 0.01 11.99
C GLU A 276 -13.87 -0.26 10.53
N GLY A 277 -12.57 -0.44 10.29
CA GLY A 277 -12.03 -0.75 8.96
C GLY A 277 -12.10 0.36 7.92
N LYS A 278 -12.19 1.61 8.37
CA LYS A 278 -12.24 2.78 7.48
C LYS A 278 -10.86 3.42 7.41
N LYS A 279 -10.45 3.81 6.21
CA LYS A 279 -9.15 4.44 6.00
C LYS A 279 -9.29 5.85 5.44
N LYS A 280 -8.47 6.77 5.97
CA LYS A 280 -8.41 8.14 5.48
C LYS A 280 -6.95 8.58 5.37
N TYR A 281 -6.66 9.38 4.36
CA TYR A 281 -5.34 10.00 4.24
C TYR A 281 -5.36 11.45 4.77
N LEU A 282 -4.30 11.78 5.50
CA LEU A 282 -4.13 13.12 6.07
C LEU A 282 -2.77 13.67 5.68
N ALA A 283 -2.71 15.00 5.49
CA ALA A 283 -1.44 15.68 5.25
C ALA A 283 -1.14 16.63 6.42
N ALA A 284 0.13 16.90 6.67
CA ALA A 284 0.49 17.77 7.79
C ALA A 284 1.73 18.60 7.53
N ALA A 285 1.62 19.91 7.79
CA ALA A 285 2.71 20.86 7.63
C ALA A 285 3.19 21.33 9.00
N PHE A 286 4.37 20.89 9.40
CA PHE A 286 4.99 21.35 10.66
C PHE A 286 6.35 22.00 10.39
N PRO A 287 6.72 23.03 11.19
CA PRO A 287 8.06 23.59 11.17
C PRO A 287 9.10 22.60 11.72
N SER A 288 10.34 23.05 11.83
CA SER A 288 11.45 22.22 12.28
C SER A 288 11.22 21.69 13.69
N ALA A 289 11.69 20.48 13.94
CA ALA A 289 11.70 19.88 15.29
C ALA A 289 10.33 19.94 15.98
N CYS A 290 9.27 19.59 15.24
CA CYS A 290 7.91 19.53 15.78
C CYS A 290 7.28 18.13 15.63
N GLY A 291 8.12 17.14 15.35
CA GLY A 291 7.67 15.74 15.29
C GLY A 291 7.04 15.30 13.99
N LYS A 292 7.56 15.82 12.89
CA LYS A 292 7.00 15.56 11.57
C LYS A 292 7.16 14.09 11.12
N THR A 293 8.39 13.61 11.07
CA THR A 293 8.68 12.21 10.76
C THR A 293 8.05 11.28 11.81
N ASN A 294 8.07 11.72 13.07
CA ASN A 294 7.42 10.99 14.17
C ASN A 294 5.95 10.70 13.91
N LEU A 295 5.22 11.70 13.40
CA LEU A 295 3.80 11.54 13.10
C LEU A 295 3.57 10.69 11.86
N ALA A 296 4.44 10.87 10.85
CA ALA A 296 4.27 10.18 9.56
C ALA A 296 4.46 8.68 9.69
N MET A 297 5.32 8.26 10.61
CA MET A 297 5.51 6.83 10.84
C MET A 297 5.23 6.41 12.28
N MET A 298 4.21 7.03 12.86
CA MET A 298 3.76 6.74 14.21
C MET A 298 3.22 5.31 14.32
N ASN A 299 3.54 4.66 15.44
CA ASN A 299 2.81 3.48 15.90
CA ASN A 299 2.75 3.51 15.84
C ASN A 299 1.78 3.94 16.94
N PRO A 300 0.47 3.88 16.61
CA PRO A 300 -0.54 4.36 17.56
C PRO A 300 -0.59 3.52 18.84
N THR A 301 -0.95 4.16 19.96
CA THR A 301 -1.12 3.48 21.23
C THR A 301 -2.53 2.92 21.37
N LEU A 302 -3.47 3.48 20.58
CA LEU A 302 -4.87 3.04 20.61
C LEU A 302 -5.06 1.73 19.85
N PRO A 303 -5.56 0.70 20.55
CA PRO A 303 -5.82 -0.61 19.93
C PRO A 303 -6.75 -0.48 18.72
N GLY A 304 -6.44 -1.22 17.66
CA GLY A 304 -7.30 -1.26 16.47
C GLY A 304 -7.04 -0.15 15.47
N TRP A 305 -6.14 0.78 15.80
CA TRP A 305 -5.76 1.87 14.89
C TRP A 305 -4.42 1.57 14.21
N LYS A 306 -4.33 1.96 12.94
CA LYS A 306 -3.11 1.79 12.14
CA LYS A 306 -3.07 1.84 12.21
C LYS A 306 -2.74 3.11 11.45
N VAL A 307 -1.45 3.43 11.46
CA VAL A 307 -0.90 4.55 10.70
C VAL A 307 0.13 3.99 9.69
N GLU A 308 0.01 4.42 8.44
CA GLU A 308 0.94 4.02 7.40
C GLU A 308 1.49 5.27 6.69
N CYS A 309 2.75 5.21 6.26
CA CYS A 309 3.47 6.38 5.77
C CYS A 309 3.48 6.46 4.23
N VAL A 310 2.95 7.56 3.69
CA VAL A 310 3.09 7.82 2.25
C VAL A 310 4.37 8.62 2.02
N GLY A 311 4.54 9.68 2.83
CA GLY A 311 5.75 10.50 2.82
C GLY A 311 5.92 11.27 4.12
N ASP A 312 7.14 11.73 4.38
CA ASP A 312 7.42 12.42 5.63
C ASP A 312 7.87 13.87 5.46
N ASP A 313 7.81 14.40 4.24
CA ASP A 313 8.36 15.74 3.98
C ASP A 313 7.57 16.63 3.01
N ILE A 314 7.27 16.10 1.83
CA ILE A 314 6.75 16.90 0.73
C ILE A 314 5.54 16.25 0.10
N ALA A 315 4.53 17.08 -0.22
CA ALA A 315 3.33 16.62 -0.90
C ALA A 315 3.06 17.48 -2.13
N TRP A 316 2.74 16.80 -3.22
CA TRP A 316 2.27 17.44 -4.43
C TRP A 316 0.81 17.04 -4.56
N MET A 317 -0.08 18.02 -4.57
CA MET A 317 -1.52 17.76 -4.48
C MET A 317 -2.28 18.49 -5.57
N LYS A 318 -3.25 17.80 -6.16
CA LYS A 318 -4.07 18.34 -7.23
CA LYS A 318 -4.07 18.35 -7.22
C LYS A 318 -5.49 17.76 -7.16
N PHE A 319 -6.49 18.63 -7.28
CA PHE A 319 -7.88 18.19 -7.32
C PHE A 319 -8.15 17.44 -8.63
N ASP A 320 -8.79 16.29 -8.56
CA ASP A 320 -9.11 15.53 -9.79
C ASP A 320 -10.50 15.94 -10.31
N ALA A 321 -10.94 15.30 -11.40
CA ALA A 321 -12.22 15.62 -12.03
C ALA A 321 -13.40 15.44 -11.06
N GLN A 322 -13.21 14.60 -10.04
CA GLN A 322 -14.25 14.30 -9.06
C GLN A 322 -14.23 15.27 -7.87
N GLY A 323 -13.18 16.09 -7.79
CA GLY A 323 -13.07 17.06 -6.70
C GLY A 323 -12.29 16.57 -5.50
N ASN A 324 -11.70 15.38 -5.60
CA ASN A 324 -10.85 14.85 -4.54
C ASN A 324 -9.49 15.48 -4.64
N LEU A 325 -8.94 15.89 -3.50
CA LEU A 325 -7.59 16.41 -3.45
C LEU A 325 -6.61 15.25 -3.39
N ARG A 326 -5.99 14.94 -4.53
CA ARG A 326 -5.14 13.77 -4.59
C ARG A 326 -3.67 14.13 -4.42
N ALA A 327 -2.99 13.39 -3.55
CA ALA A 327 -1.60 13.72 -3.21
C ALA A 327 -0.64 12.58 -3.51
N ILE A 328 0.56 12.96 -3.95
CA ILE A 328 1.67 12.02 -4.09
C ILE A 328 2.85 12.55 -3.28
N ASN A 329 3.66 11.61 -2.80
CA ASN A 329 4.98 11.93 -2.27
C ASN A 329 5.96 11.93 -3.46
N PRO A 330 6.54 13.10 -3.80
CA PRO A 330 7.46 13.18 -4.95
C PRO A 330 8.84 12.58 -4.68
N GLU A 331 9.09 12.16 -3.45
CA GLU A 331 10.39 11.64 -3.08
C GLU A 331 10.39 10.12 -3.04
N ASN A 332 11.58 9.56 -2.95
CA ASN A 332 11.76 8.10 -3.03
C ASN A 332 12.45 7.57 -1.77
N GLY A 333 12.75 8.49 -0.84
CA GLY A 333 13.40 8.12 0.41
C GLY A 333 13.17 9.15 1.49
N PHE A 334 13.76 8.93 2.67
CA PHE A 334 13.67 9.86 3.81
C PHE A 334 15.03 10.43 4.13
N PHE A 335 15.09 11.76 4.25
CA PHE A 335 16.31 12.46 4.59
C PHE A 335 16.06 13.12 5.94
N GLY A 336 16.19 12.32 7.00
CA GLY A 336 15.78 12.73 8.33
C GLY A 336 16.91 13.14 9.24
N VAL A 337 16.61 14.09 10.11
CA VAL A 337 17.52 14.48 11.18
C VAL A 337 17.71 13.25 12.06
N ALA A 338 18.97 12.82 12.23
CA ALA A 338 19.29 11.64 13.05
C ALA A 338 19.11 11.86 14.56
N PRO A 339 19.75 12.90 15.15
CA PRO A 339 19.69 13.02 16.61
C PRO A 339 18.26 13.09 17.11
N GLY A 340 17.97 12.34 18.18
CA GLY A 340 16.64 12.30 18.76
C GLY A 340 15.82 11.13 18.25
N THR A 341 16.35 10.42 17.26
CA THR A 341 15.70 9.22 16.74
C THR A 341 16.04 8.02 17.63
N SER A 342 15.02 7.54 18.34
CA SER A 342 15.13 6.45 19.30
CA SER A 342 15.17 6.40 19.24
C SER A 342 14.05 5.40 19.04
N VAL A 343 14.18 4.23 19.65
CA VAL A 343 13.14 3.20 19.59
C VAL A 343 11.81 3.70 20.20
N LYS A 344 11.89 4.62 21.16
CA LYS A 344 10.68 5.16 21.79
C LYS A 344 10.04 6.34 21.05
N THR A 345 10.85 7.17 20.40
CA THR A 345 10.32 8.31 19.65
C THR A 345 9.92 7.94 18.22
N ASN A 346 10.66 6.99 17.64
CA ASN A 346 10.45 6.59 16.25
C ASN A 346 10.99 5.18 15.94
N PRO A 347 10.34 4.12 16.47
CA PRO A 347 10.78 2.74 16.25
C PRO A 347 10.79 2.34 14.78
N ASN A 348 9.83 2.85 14.00
CA ASN A 348 9.76 2.57 12.58
C ASN A 348 10.93 3.14 11.78
N ALA A 349 11.42 4.32 12.19
CA ALA A 349 12.62 4.90 11.57
C ALA A 349 13.83 4.02 11.84
N ILE A 350 13.95 3.54 13.09
CA ILE A 350 15.06 2.68 13.48
C ILE A 350 15.12 1.45 12.58
N LYS A 351 13.96 0.81 12.36
CA LYS A 351 13.88 -0.37 11.49
CA LYS A 351 13.88 -0.37 11.49
C LYS A 351 14.26 -0.03 10.05
N THR A 352 13.81 1.13 9.56
CA THR A 352 14.09 1.57 8.20
C THR A 352 15.60 1.76 7.92
N ILE A 353 16.33 2.33 8.86
CA ILE A 353 17.70 2.82 8.60
C ILE A 353 18.81 1.81 8.88
N GLN A 354 18.44 0.56 9.12
CA GLN A 354 19.40 -0.47 9.47
C GLN A 354 20.05 -1.14 8.26
N LYS A 355 19.56 -0.82 7.07
CA LYS A 355 20.17 -1.31 5.84
C LYS A 355 20.04 -0.33 4.69
N ASN A 356 20.99 -0.40 3.75
CA ASN A 356 20.98 0.39 2.51
C ASN A 356 20.86 1.91 2.74
N THR A 357 21.51 2.38 3.79
CA THR A 357 21.31 3.72 4.29
C THR A 357 22.64 4.47 4.35
N ILE A 358 22.62 5.74 3.93
CA ILE A 358 23.79 6.61 4.05
C ILE A 358 23.56 7.58 5.19
N PHE A 359 24.52 7.62 6.11
CA PHE A 359 24.48 8.52 7.27
C PHE A 359 25.51 9.63 7.06
N THR A 360 25.17 10.83 7.51
CA THR A 360 26.05 11.98 7.38
C THR A 360 26.18 12.67 8.73
N ASN A 361 27.42 12.87 9.16
CA ASN A 361 27.74 13.61 10.39
C ASN A 361 27.28 13.00 11.73
N VAL A 362 27.02 11.71 11.75
CA VAL A 362 26.71 11.01 13.02
C VAL A 362 27.98 10.38 13.57
N ALA A 363 27.92 9.93 14.84
CA ALA A 363 29.02 9.22 15.48
C ALA A 363 29.06 7.76 15.02
N GLU A 364 30.23 7.16 15.14
CA GLU A 364 30.42 5.75 14.82
C GLU A 364 30.93 5.04 16.06
N THR A 365 30.36 3.87 16.34
CA THR A 365 30.82 3.04 17.44
C THR A 365 31.94 2.09 16.98
N SER A 366 32.65 1.51 17.95
CA SER A 366 33.80 0.62 17.72
C SER A 366 33.50 -0.58 16.84
N ASP A 367 32.26 -1.07 16.93
CA ASP A 367 31.85 -2.25 16.16
C ASP A 367 31.22 -1.89 14.82
N GLY A 368 31.38 -0.62 14.41
CA GLY A 368 30.87 -0.15 13.13
C GLY A 368 29.39 0.21 13.12
N GLY A 369 28.90 0.68 14.26
CA GLY A 369 27.50 1.13 14.38
C GLY A 369 27.37 2.64 14.38
N VAL A 370 26.13 3.12 14.47
CA VAL A 370 25.89 4.57 14.51
C VAL A 370 25.45 5.05 15.90
N TYR A 371 25.74 6.31 16.19
CA TYR A 371 25.38 6.90 17.46
C TYR A 371 25.04 8.38 17.34
N TRP A 372 24.13 8.85 18.19
CA TRP A 372 23.75 10.25 18.26
C TRP A 372 23.01 10.55 19.55
N GLU A 373 22.89 11.84 19.87
CA GLU A 373 22.13 12.30 21.03
C GLU A 373 20.67 11.85 20.93
N GLY A 374 20.16 11.32 22.02
CA GLY A 374 18.77 10.92 22.10
C GLY A 374 18.48 9.60 21.41
N ILE A 375 19.53 8.83 21.11
CA ILE A 375 19.36 7.49 20.55
C ILE A 375 18.77 6.52 21.58
N ASP A 376 18.95 6.88 22.86
CA ASP A 376 18.41 6.15 24.01
CA ASP A 376 18.36 6.14 23.98
C ASP A 376 18.67 4.64 23.94
N GLU A 377 19.90 4.30 23.58
CA GLU A 377 20.32 2.92 23.47
C GLU A 377 21.73 2.75 24.04
N PRO A 378 21.84 2.12 25.23
CA PRO A 378 23.12 1.84 25.88
C PRO A 378 24.07 1.00 25.05
N LEU A 379 25.37 1.23 25.21
CA LEU A 379 26.39 0.46 24.52
C LEU A 379 27.03 -0.52 25.49
N ALA A 380 27.31 -1.72 25.00
CA ALA A 380 28.02 -2.74 25.78
C ALA A 380 29.35 -2.18 26.27
N PRO A 381 29.76 -2.56 27.50
CA PRO A 381 31.06 -2.10 27.99
C PRO A 381 32.19 -2.56 27.07
N GLY A 382 33.08 -1.63 26.73
CA GLY A 382 34.15 -1.90 25.78
C GLY A 382 33.95 -1.14 24.49
N VAL A 383 32.69 -0.91 24.12
CA VAL A 383 32.36 -0.19 22.90
C VAL A 383 32.61 1.31 23.12
N THR A 384 33.44 1.87 22.25
CA THR A 384 33.79 3.29 22.31
C THR A 384 33.16 4.05 21.14
N ILE A 385 33.25 5.38 21.18
CA ILE A 385 32.57 6.24 20.22
C ILE A 385 33.53 7.22 19.54
N THR A 386 33.49 7.24 18.21
CA THR A 386 34.16 8.27 17.42
C THR A 386 33.09 9.28 17.00
N SER A 387 33.31 10.55 17.35
CA SER A 387 32.38 11.61 17.00
C SER A 387 32.36 11.91 15.50
N TRP A 388 31.45 12.79 15.11
CA TRP A 388 31.35 13.25 13.72
C TRP A 388 32.57 14.08 13.29
N LYS A 389 33.31 14.60 14.27
CA LYS A 389 34.55 15.34 14.03
C LYS A 389 35.78 14.43 13.92
N ASN A 390 35.54 13.13 13.82
CA ASN A 390 36.58 12.08 13.77
C ASN A 390 37.55 12.10 14.96
N LYS A 391 36.98 12.24 16.16
CA LYS A 391 37.76 12.21 17.40
C LYS A 391 37.12 11.26 18.39
N GLU A 392 37.94 10.68 19.27
CA GLU A 392 37.46 9.85 20.35
C GLU A 392 36.51 10.67 21.23
N TRP A 393 35.37 10.08 21.58
CA TRP A 393 34.33 10.81 22.28
C TRP A 393 33.82 10.09 23.51
N ARG A 394 33.64 10.85 24.59
CA ARG A 394 33.06 10.35 25.83
C ARG A 394 31.87 11.24 26.20
N PRO A 395 30.79 10.65 26.74
CA PRO A 395 29.58 11.43 27.11
C PRO A 395 29.85 12.53 28.15
N GLN A 396 31.08 12.60 28.66
CA GLN A 396 31.48 13.64 29.60
C GLN A 396 31.88 14.95 28.90
N ASP A 397 32.03 14.89 27.57
CA ASP A 397 32.44 16.04 26.77
C ASP A 397 31.30 17.06 26.60
N GLU A 398 31.66 18.33 26.42
CA GLU A 398 30.69 19.41 26.22
C GLU A 398 30.05 19.40 24.83
N GLU A 399 30.80 18.95 23.83
CA GLU A 399 30.33 18.88 22.44
C GLU A 399 29.58 17.56 22.17
N PRO A 400 28.52 17.60 21.36
CA PRO A 400 27.77 16.37 21.02
C PRO A 400 28.56 15.40 20.12
N CYS A 401 28.22 14.11 20.19
CA CYS A 401 28.91 13.10 19.40
C CYS A 401 28.54 13.19 17.91
N ALA A 402 27.34 13.70 17.65
CA ALA A 402 26.87 13.91 16.29
C ALA A 402 26.49 15.37 16.11
N HIS A 403 26.66 15.89 14.89
CA HIS A 403 26.15 17.23 14.58
C HIS A 403 24.62 17.26 14.76
N PRO A 404 24.09 18.37 15.35
CA PRO A 404 22.63 18.54 15.50
C PRO A 404 21.83 18.38 14.21
N ASN A 405 22.43 18.72 13.07
CA ASN A 405 21.76 18.55 11.78
C ASN A 405 22.16 17.29 11.00
N SER A 406 22.87 16.38 11.67
CA SER A 406 23.24 15.10 11.06
C SER A 406 22.03 14.33 10.56
N ARG A 407 22.26 13.41 9.63
CA ARG A 407 21.20 12.87 8.80
C ARG A 407 21.33 11.38 8.56
N PHE A 408 20.19 10.74 8.34
CA PHE A 408 20.14 9.48 7.62
C PHE A 408 19.47 9.71 6.27
N CYS A 409 19.88 8.94 5.27
CA CYS A 409 19.28 9.02 3.96
C CYS A 409 18.95 7.59 3.57
N THR A 410 17.65 7.27 3.59
CA THR A 410 17.20 5.88 3.61
C THR A 410 16.06 5.64 2.60
N PRO A 411 16.05 4.47 1.94
CA PRO A 411 14.99 4.13 0.99
C PRO A 411 13.61 4.08 1.63
N ALA A 412 12.64 4.74 1.00
CA ALA A 412 11.26 4.75 1.53
C ALA A 412 10.65 3.35 1.56
N SER A 413 10.95 2.55 0.54
CA SER A 413 10.41 1.19 0.43
C SER A 413 10.71 0.33 1.66
N GLN A 414 11.70 0.74 2.45
CA GLN A 414 12.19 -0.02 3.59
C GLN A 414 11.43 0.26 4.88
N CYS A 415 10.63 1.34 4.89
CA CYS A 415 9.80 1.64 6.03
C CYS A 415 8.81 0.50 6.25
N PRO A 416 8.82 -0.10 7.45
CA PRO A 416 7.97 -1.26 7.72
C PRO A 416 6.48 -0.90 7.64
N ILE A 417 6.15 0.38 7.79
CA ILE A 417 4.74 0.80 7.67
C ILE A 417 4.51 1.72 6.45
N ILE A 418 5.36 1.59 5.43
CA ILE A 418 5.12 2.30 4.18
C ILE A 418 3.74 1.92 3.63
N ASP A 419 3.00 2.94 3.22
CA ASP A 419 1.61 2.76 2.76
C ASP A 419 1.59 1.98 1.44
N PRO A 420 0.63 1.04 1.28
CA PRO A 420 0.56 0.27 0.04
C PRO A 420 0.30 1.12 -1.21
N ALA A 421 -0.20 2.34 -1.02
CA ALA A 421 -0.47 3.27 -2.12
C ALA A 421 0.57 4.39 -2.24
N TRP A 422 1.71 4.26 -1.55
CA TRP A 422 2.73 5.32 -1.53
C TRP A 422 3.33 5.60 -2.92
N GLU A 423 3.23 4.64 -3.81
CA GLU A 423 3.72 4.81 -5.18
C GLU A 423 2.61 4.81 -6.20
N SER A 424 1.36 4.87 -5.74
CA SER A 424 0.23 4.90 -6.66
CA SER A 424 0.24 4.89 -6.67
C SER A 424 0.27 6.19 -7.47
N PRO A 425 0.32 6.07 -8.82
CA PRO A 425 0.46 7.23 -9.72
C PRO A 425 -0.70 8.22 -9.65
N GLU A 426 -1.90 7.76 -9.28
CA GLU A 426 -3.06 8.64 -9.17
C GLU A 426 -3.05 9.42 -7.86
N GLY A 427 -2.22 9.00 -6.91
CA GLY A 427 -2.13 9.66 -5.61
C GLY A 427 -3.22 9.19 -4.65
N VAL A 428 -3.18 9.73 -3.43
CA VAL A 428 -4.11 9.35 -2.37
C VAL A 428 -5.04 10.52 -2.03
N PRO A 429 -6.32 10.23 -1.71
CA PRO A 429 -7.25 11.33 -1.48
C PRO A 429 -7.11 11.94 -0.06
N ILE A 430 -6.71 13.20 0.00
CA ILE A 430 -6.50 13.89 1.28
C ILE A 430 -7.84 14.40 1.83
N GLU A 431 -8.18 13.99 3.05
CA GLU A 431 -9.43 14.38 3.68
C GLU A 431 -9.23 15.36 4.83
N GLY A 432 -7.98 15.49 5.28
CA GLY A 432 -7.66 16.45 6.34
C GLY A 432 -6.27 17.02 6.18
N ILE A 433 -6.12 18.30 6.51
CA ILE A 433 -4.82 18.96 6.53
C ILE A 433 -4.55 19.52 7.92
N ILE A 434 -3.35 19.25 8.44
CA ILE A 434 -3.00 19.60 9.81
C ILE A 434 -1.84 20.57 9.79
N PHE A 435 -2.05 21.72 10.41
CA PHE A 435 -0.99 22.67 10.65
C PHE A 435 -0.59 22.51 12.10
N GLY A 436 0.59 22.99 12.46
CA GLY A 436 1.00 22.89 13.86
C GLY A 436 2.35 23.50 14.11
N GLY A 437 2.62 23.78 15.39
CA GLY A 437 3.91 24.36 15.79
C GLY A 437 4.26 24.03 17.23
N ARG A 438 5.42 24.49 17.65
CA ARG A 438 5.87 24.31 19.02
C ARG A 438 5.49 25.57 19.81
N ARG A 439 4.42 25.49 20.60
CA ARG A 439 3.99 26.63 21.45
C ARG A 439 3.88 26.25 22.92
N PRO A 440 4.79 26.77 23.76
CA PRO A 440 4.80 26.46 25.20
C PRO A 440 3.55 26.95 25.95
N ALA A 441 2.91 27.98 25.43
CA ALA A 441 1.76 28.60 26.09
C ALA A 441 0.64 28.93 25.11
N GLY A 442 -0.59 28.98 25.64
CA GLY A 442 -1.73 29.61 24.98
C GLY A 442 -2.52 28.80 23.97
N VAL A 443 -1.83 27.95 23.23
CA VAL A 443 -2.43 27.26 22.08
C VAL A 443 -2.84 25.82 22.46
N PRO A 444 -4.15 25.55 22.42
CA PRO A 444 -4.71 24.23 22.73
C PRO A 444 -4.07 23.08 21.95
N LEU A 445 -4.21 21.88 22.51
CA LEU A 445 -3.69 20.65 21.90
C LEU A 445 -4.13 20.49 20.45
N VAL A 446 -5.41 20.74 20.19
CA VAL A 446 -5.96 20.63 18.83
C VAL A 446 -7.19 21.53 18.68
N TYR A 447 -7.24 22.26 17.58
CA TYR A 447 -8.48 22.91 17.17
C TYR A 447 -8.73 22.69 15.67
N GLU A 448 -9.94 23.03 15.25
CA GLU A 448 -10.38 22.83 13.87
C GLU A 448 -10.87 24.16 13.33
N ALA A 449 -10.40 24.49 12.13
CA ALA A 449 -10.79 25.72 11.44
C ALA A 449 -12.30 25.77 11.21
N LEU A 450 -12.83 26.98 11.20
CA LEU A 450 -14.27 27.22 11.04
C LEU A 450 -14.75 27.14 9.59
N SER A 451 -13.81 27.26 8.66
CA SER A 451 -14.12 27.27 7.23
C SER A 451 -12.81 27.12 6.48
N TRP A 452 -12.90 26.98 5.17
CA TRP A 452 -11.69 26.94 4.34
C TRP A 452 -10.86 28.21 4.49
N GLN A 453 -11.52 29.36 4.45
CA GLN A 453 -10.83 30.66 4.54
C GLN A 453 -10.15 30.85 5.89
N HIS A 454 -10.87 30.48 6.96
CA HIS A 454 -10.27 30.49 8.29
C HIS A 454 -9.08 29.54 8.37
N GLY A 455 -9.21 28.36 7.73
CA GLY A 455 -8.12 27.39 7.64
C GLY A 455 -6.88 27.92 6.96
N VAL A 456 -7.06 28.61 5.83
CA VAL A 456 -5.95 29.26 5.13
C VAL A 456 -5.29 30.32 6.06
N PHE A 457 -6.12 31.08 6.77
CA PHE A 457 -5.64 32.00 7.81
C PHE A 457 -4.80 31.29 8.88
N VAL A 458 -5.28 30.14 9.37
CA VAL A 458 -4.58 29.38 10.41
C VAL A 458 -3.18 28.98 9.92
N GLY A 459 -3.10 28.48 8.69
CA GLY A 459 -1.79 28.19 8.07
C GLY A 459 -0.92 29.42 8.01
N ALA A 460 -1.51 30.54 7.59
CA ALA A 460 -0.80 31.81 7.41
C ALA A 460 -0.24 32.35 8.72
N ALA A 461 -0.92 32.05 9.82
CA ALA A 461 -0.60 32.56 11.16
C ALA A 461 0.37 31.68 11.95
N MET A 462 0.74 30.52 11.40
CA MET A 462 1.60 29.55 12.10
C MET A 462 2.85 30.18 12.72
N ARG A 463 3.06 29.89 14.00
CA ARG A 463 4.24 30.32 14.73
C ARG A 463 4.75 29.15 15.54
N SER A 464 6.05 29.16 15.83
CA SER A 464 6.69 28.01 16.45
C SER A 464 7.97 28.45 17.15
N GLU A 465 8.22 27.84 18.29
CA GLU A 465 9.42 28.13 19.07
C GLU A 465 10.65 27.63 18.31
N ALA A 466 11.60 28.52 18.08
CA ALA A 466 12.83 28.25 17.31
C ALA A 466 13.45 26.88 17.57
N LYS A 475 15.25 30.88 23.67
CA LYS A 475 14.27 30.49 22.66
C LYS A 475 13.43 31.69 22.20
N VAL A 476 12.98 31.63 20.96
CA VAL A 476 12.16 32.68 20.34
C VAL A 476 11.06 32.05 19.48
N ILE A 477 9.84 32.57 19.62
CA ILE A 477 8.72 32.15 18.77
C ILE A 477 8.76 32.94 17.45
N MET A 478 8.87 32.21 16.35
CA MET A 478 8.97 32.84 15.04
CA MET A 478 9.01 32.78 15.00
C MET A 478 7.85 32.37 14.10
N HIS A 479 7.63 33.13 13.04
CA HIS A 479 6.60 32.82 12.07
C HIS A 479 7.12 31.83 11.03
N ASP A 480 6.30 30.81 10.76
CA ASP A 480 6.60 29.88 9.67
C ASP A 480 5.28 29.49 9.01
N PRO A 481 4.74 30.41 8.19
CA PRO A 481 3.42 30.16 7.60
C PRO A 481 3.42 28.93 6.68
N PHE A 482 2.49 28.00 6.94
CA PHE A 482 2.40 26.76 6.16
C PHE A 482 3.66 25.88 6.26
N ALA A 483 4.53 26.19 7.23
CA ALA A 483 5.87 25.58 7.33
C ALA A 483 6.67 25.77 6.02
N MET A 484 6.30 26.82 5.28
CA MET A 484 6.91 27.10 3.98
C MET A 484 7.84 28.32 3.97
N ARG A 485 8.09 28.92 5.13
CA ARG A 485 8.89 30.17 5.20
CA ARG A 485 8.87 30.16 5.18
C ARG A 485 10.18 30.11 4.37
N PRO A 486 10.99 29.03 4.53
CA PRO A 486 12.22 28.99 3.74
C PRO A 486 12.05 28.49 2.30
N PHE A 487 10.80 28.22 1.89
CA PHE A 487 10.57 27.41 0.69
C PHE A 487 9.63 28.01 -0.35
N PHE A 488 9.04 29.18 -0.09
CA PHE A 488 8.10 29.80 -1.04
C PHE A 488 8.75 30.02 -2.42
N GLY A 489 8.17 29.47 -3.47
CA GLY A 489 8.73 29.67 -4.82
C GLY A 489 8.43 31.02 -5.42
N TYR A 490 7.57 31.79 -4.74
CA TYR A 490 7.03 33.06 -5.25
C TYR A 490 6.34 33.81 -4.12
N ASN A 491 5.80 34.99 -4.45
CA ASN A 491 5.11 35.88 -3.52
C ASN A 491 4.10 35.18 -2.57
N PHE A 492 4.37 35.23 -1.28
CA PHE A 492 3.54 34.57 -0.27
C PHE A 492 2.07 35.05 -0.29
N GLY A 493 1.86 36.36 -0.48
CA GLY A 493 0.49 36.88 -0.63
C GLY A 493 -0.26 36.21 -1.77
N LYS A 494 0.43 36.04 -2.89
CA LYS A 494 -0.13 35.33 -4.05
C LYS A 494 -0.32 33.83 -3.79
N TYR A 495 0.52 33.25 -2.95
CA TYR A 495 0.36 31.86 -2.53
C TYR A 495 -0.91 31.68 -1.68
N LEU A 496 -1.15 32.63 -0.78
CA LEU A 496 -2.40 32.67 -0.02
C LEU A 496 -3.62 32.78 -0.90
N ALA A 497 -3.55 33.64 -1.92
CA ALA A 497 -4.62 33.81 -2.89
C ALA A 497 -4.85 32.50 -3.66
N HIS A 498 -3.74 31.83 -4.00
CA HIS A 498 -3.83 30.53 -4.67
C HIS A 498 -4.59 29.51 -3.82
N TRP A 499 -4.23 29.39 -2.54
CA TRP A 499 -4.94 28.54 -1.58
C TRP A 499 -6.43 28.88 -1.48
N LEU A 500 -6.72 30.17 -1.33
CA LEU A 500 -8.11 30.65 -1.22
C LEU A 500 -8.92 30.34 -2.48
N SER A 501 -8.28 30.43 -3.65
CA SER A 501 -8.97 30.15 -4.92
C SER A 501 -9.52 28.72 -5.03
N MET A 502 -8.99 27.80 -4.23
CA MET A 502 -9.44 26.41 -4.26
CA MET A 502 -9.44 26.40 -4.23
C MET A 502 -10.92 26.26 -3.90
N ALA A 503 -11.43 27.16 -3.08
CA ALA A 503 -12.84 27.17 -2.68
C ALA A 503 -13.79 27.48 -3.84
N HIS A 504 -13.27 28.05 -4.93
CA HIS A 504 -14.10 28.46 -6.06
C HIS A 504 -14.04 27.50 -7.24
N ARG A 505 -13.35 26.37 -7.03
CA ARG A 505 -13.46 25.23 -7.93
C ARG A 505 -14.81 24.58 -7.66
N PRO A 506 -15.71 24.58 -8.67
CA PRO A 506 -16.94 23.80 -8.50
C PRO A 506 -16.60 22.34 -8.21
N ALA A 507 -17.27 21.78 -7.20
CA ALA A 507 -17.16 20.35 -6.85
C ALA A 507 -15.88 19.94 -6.12
N ALA A 508 -14.99 20.90 -5.82
CA ALA A 508 -13.83 20.63 -4.98
C ALA A 508 -14.29 20.12 -3.61
N LYS A 509 -13.70 19.03 -3.16
CA LYS A 509 -13.95 18.52 -1.82
C LYS A 509 -12.85 19.04 -0.92
N LEU A 510 -13.09 20.19 -0.31
CA LEU A 510 -12.09 20.85 0.53
C LEU A 510 -11.88 20.07 1.81
N PRO A 511 -10.62 19.67 2.08
CA PRO A 511 -10.36 18.92 3.29
C PRO A 511 -10.60 19.75 4.52
N LYS A 512 -10.93 19.09 5.63
CA LYS A 512 -11.02 19.74 6.92
C LYS A 512 -9.62 20.21 7.32
N ILE A 513 -9.53 21.38 7.96
CA ILE A 513 -8.24 21.93 8.41
C ILE A 513 -8.18 21.97 9.94
N PHE A 514 -7.09 21.43 10.48
CA PHE A 514 -6.85 21.36 11.92
C PHE A 514 -5.54 22.04 12.25
N HIS A 515 -5.39 22.45 13.50
CA HIS A 515 -4.11 22.92 14.04
C HIS A 515 -3.80 22.15 15.32
N VAL A 516 -2.55 21.70 15.46
CA VAL A 516 -2.14 20.92 16.64
C VAL A 516 -0.96 21.59 17.35
N ASN A 517 -0.89 21.36 18.66
CA ASN A 517 0.21 21.81 19.51
C ASN A 517 0.51 20.66 20.49
N TRP A 518 1.52 19.86 20.16
CA TRP A 518 1.97 18.79 21.04
C TRP A 518 2.75 19.34 22.25
N PHE A 519 3.13 20.61 22.20
CA PHE A 519 4.21 21.12 23.06
C PHE A 519 3.83 22.12 24.15
N ARG A 520 2.54 22.19 24.47
CA ARG A 520 2.08 23.07 25.55
C ARG A 520 2.63 22.62 26.89
N LYS A 521 3.15 23.59 27.65
CA LYS A 521 3.72 23.35 28.97
C LYS A 521 2.83 23.95 30.05
N ASP A 522 2.98 23.46 31.28
CA ASP A 522 2.32 24.09 32.43
C ASP A 522 3.11 25.29 32.94
N LYS A 523 2.75 25.78 34.13
CA LYS A 523 3.42 26.95 34.72
C LYS A 523 4.85 26.63 35.17
N ASN A 524 5.21 25.34 35.19
CA ASN A 524 6.52 24.87 35.64
C ASN A 524 7.50 24.56 34.50
N GLY A 525 6.96 24.44 33.28
CA GLY A 525 7.77 24.07 32.13
C GLY A 525 7.67 22.59 31.77
N LYS A 526 6.75 21.89 32.44
CA LYS A 526 6.48 20.48 32.11
C LYS A 526 5.44 20.37 31.00
N PHE A 527 5.75 19.56 29.99
CA PHE A 527 4.79 19.23 28.92
C PHE A 527 3.49 18.65 29.50
N LEU A 528 2.38 19.11 28.95
CA LEU A 528 1.05 18.71 29.40
C LEU A 528 0.54 17.47 28.67
N TRP A 529 1.14 17.18 27.52
CA TRP A 529 0.73 16.08 26.65
C TRP A 529 1.91 15.13 26.44
N PRO A 530 1.70 13.81 26.68
CA PRO A 530 2.77 12.80 26.51
C PRO A 530 3.28 12.63 25.07
N GLY A 531 2.47 13.00 24.08
CA GLY A 531 2.87 12.92 22.67
C GLY A 531 3.17 11.52 22.16
N PHE A 532 3.98 11.47 21.10
CA PHE A 532 4.36 10.23 20.43
C PHE A 532 3.14 9.43 19.98
N GLY A 533 3.10 8.15 20.36
CA GLY A 533 1.99 7.28 19.97
C GLY A 533 0.65 7.73 20.51
N GLU A 534 0.68 8.54 21.57
CA GLU A 534 -0.55 9.07 22.18
C GLU A 534 -1.24 10.09 21.27
N ASN A 535 -0.49 10.70 20.35
CA ASN A 535 -1.08 11.58 19.34
C ASN A 535 -2.17 10.92 18.49
N SER A 536 -2.20 9.58 18.50
CA SER A 536 -3.26 8.83 17.83
C SER A 536 -4.65 9.19 18.35
N ARG A 537 -4.70 9.62 19.61
CA ARG A 537 -5.95 10.05 20.25
C ARG A 537 -6.50 11.34 19.64
N VAL A 538 -5.58 12.22 19.22
CA VAL A 538 -5.95 13.44 18.52
C VAL A 538 -6.37 13.12 17.08
N LEU A 539 -5.65 12.19 16.45
CA LEU A 539 -5.98 11.77 15.09
C LEU A 539 -7.36 11.12 15.03
N GLU A 540 -7.69 10.34 16.07
CA GLU A 540 -9.01 9.73 16.21
C GLU A 540 -10.12 10.78 16.22
N TRP A 541 -9.88 11.89 16.92
CA TRP A 541 -10.84 12.99 16.98
C TRP A 541 -11.06 13.62 15.62
N MET A 542 -9.95 13.88 14.91
CA MET A 542 -9.96 14.43 13.55
C MET A 542 -10.69 13.52 12.57
N PHE A 543 -10.43 12.22 12.71
CA PHE A 543 -11.08 11.22 11.90
C PHE A 543 -12.61 11.31 12.05
N GLY A 544 -13.09 11.35 13.29
CA GLY A 544 -14.52 11.48 13.58
C GLY A 544 -15.12 12.78 13.06
N ARG A 545 -14.38 13.87 13.22
CA ARG A 545 -14.81 15.16 12.71
C ARG A 545 -14.98 15.15 11.18
N ILE A 546 -14.03 14.53 10.48
CA ILE A 546 -14.13 14.33 9.03
C ILE A 546 -15.38 13.50 8.70
N GLU A 547 -15.68 12.49 9.51
CA GLU A 547 -16.90 11.68 9.32
C GLU A 547 -18.19 12.43 9.65
N GLY A 548 -18.06 13.63 10.22
CA GLY A 548 -19.22 14.45 10.54
C GLY A 548 -19.73 14.24 11.96
N GLU A 549 -18.92 13.62 12.80
CA GLU A 549 -19.25 13.45 14.22
C GLU A 549 -19.54 14.77 14.92
N ASP A 550 -20.49 14.73 15.86
CA ASP A 550 -20.92 15.90 16.60
C ASP A 550 -20.05 16.10 17.85
N SER A 551 -18.74 16.04 17.66
CA SER A 551 -17.80 15.89 18.77
C SER A 551 -17.05 17.18 19.11
N ALA A 552 -17.54 18.32 18.60
CA ALA A 552 -16.85 19.58 18.76
C ALA A 552 -17.61 20.64 19.54
N LYS A 553 -16.83 21.50 20.17
CA LYS A 553 -17.30 22.66 20.88
C LYS A 553 -16.75 23.87 20.14
N LEU A 554 -17.59 24.89 19.96
CA LEU A 554 -17.17 26.16 19.35
CA LEU A 554 -17.19 26.15 19.35
C LEU A 554 -16.45 27.06 20.35
N THR A 555 -15.32 27.63 19.93
CA THR A 555 -14.56 28.62 20.70
C THR A 555 -14.14 29.76 19.76
N PRO A 556 -13.62 30.89 20.31
CA PRO A 556 -13.15 32.00 19.47
C PRO A 556 -12.10 31.62 18.42
N ILE A 557 -11.29 30.61 18.69
CA ILE A 557 -10.21 30.24 17.76
C ILE A 557 -10.62 29.15 16.76
N GLY A 558 -11.79 28.56 16.97
CA GLY A 558 -12.27 27.45 16.15
C GLY A 558 -12.89 26.34 17.00
N TYR A 559 -13.13 25.19 16.40
CA TYR A 559 -13.74 24.06 17.12
C TYR A 559 -12.66 23.31 17.92
N VAL A 560 -12.98 22.97 19.16
CA VAL A 560 -12.15 22.08 19.99
C VAL A 560 -12.96 20.83 20.37
N PRO A 561 -12.29 19.75 20.84
CA PRO A 561 -13.06 18.60 21.33
C PRO A 561 -14.01 18.94 22.47
N LYS A 562 -15.26 18.47 22.35
CA LYS A 562 -16.26 18.51 23.42
C LYS A 562 -15.68 17.88 24.68
N GLU A 563 -16.30 18.21 25.81
CA GLU A 563 -16.03 17.50 27.05
C GLU A 563 -16.22 16.00 26.82
N ASP A 564 -15.19 15.21 27.17
CA ASP A 564 -15.21 13.74 27.07
C ASP A 564 -15.07 13.18 25.64
N ALA A 565 -14.92 14.06 24.66
CA ALA A 565 -14.80 13.64 23.26
C ALA A 565 -13.46 12.94 22.97
N LEU A 566 -12.40 13.41 23.62
CA LEU A 566 -11.07 12.85 23.44
C LEU A 566 -10.96 11.54 24.21
N ASN A 567 -10.32 10.54 23.62
CA ASN A 567 -10.04 9.28 24.32
C ASN A 567 -8.80 9.43 25.18
N LEU A 568 -8.98 9.45 26.49
CA LEU A 568 -7.86 9.65 27.41
C LEU A 568 -7.56 8.43 28.29
N LYS A 569 -8.24 7.32 28.01
CA LYS A 569 -8.05 6.08 28.76
CA LYS A 569 -8.05 6.06 28.74
C LYS A 569 -6.62 5.56 28.54
N GLY A 570 -6.02 5.03 29.61
CA GLY A 570 -4.65 4.50 29.54
C GLY A 570 -3.62 5.55 29.89
N LEU A 571 -3.99 6.81 29.72
CA LEU A 571 -3.20 7.92 30.22
C LEU A 571 -3.59 8.09 31.69
N GLY A 572 -2.79 8.83 32.44
CA GLY A 572 -3.12 9.08 33.83
C GLY A 572 -4.12 10.21 33.93
N ASP A 573 -3.90 11.07 34.91
CA ASP A 573 -4.66 12.30 35.00
C ASP A 573 -3.98 13.32 34.12
N VAL A 574 -4.55 13.52 32.94
CA VAL A 574 -4.10 14.54 32.01
C VAL A 574 -4.89 15.82 32.31
N ASN A 575 -4.17 16.93 32.44
CA ASN A 575 -4.75 18.21 32.80
C ASN A 575 -5.45 18.88 31.62
N VAL A 576 -6.69 18.45 31.35
CA VAL A 576 -7.44 18.88 30.17
C VAL A 576 -7.76 20.38 30.18
N GLU A 577 -8.15 20.88 31.36
CA GLU A 577 -8.44 22.31 31.54
C GLU A 577 -7.28 23.18 31.04
N GLU A 578 -6.07 22.86 31.48
CA GLU A 578 -4.87 23.59 31.05
C GLU A 578 -4.49 23.34 29.59
N LEU A 579 -4.54 22.08 29.18
CA LEU A 579 -4.24 21.69 27.80
C LEU A 579 -5.11 22.41 26.77
N PHE A 580 -6.39 22.55 27.10
CA PHE A 580 -7.37 23.13 26.19
C PHE A 580 -7.80 24.55 26.56
N GLY A 581 -7.17 25.11 27.59
CA GLY A 581 -7.50 26.46 28.06
C GLY A 581 -7.25 27.51 26.99
N ILE A 582 -8.14 28.48 26.93
CA ILE A 582 -8.04 29.57 25.98
C ILE A 582 -8.22 30.86 26.77
N SER A 583 -7.18 31.69 26.76
CA SER A 583 -7.13 32.91 27.52
C SER A 583 -7.32 34.12 26.60
N LYS A 584 -8.27 34.99 26.97
CA LYS A 584 -8.50 36.24 26.25
C LYS A 584 -7.22 37.08 26.18
N GLU A 585 -6.53 37.18 27.32
CA GLU A 585 -5.29 37.93 27.42
C GLU A 585 -4.22 37.41 26.44
N PHE A 586 -4.07 36.09 26.35
CA PHE A 586 -3.06 35.50 25.46
C PHE A 586 -3.44 35.74 24.00
N TRP A 587 -4.71 35.51 23.67
CA TRP A 587 -5.15 35.62 22.29
C TRP A 587 -5.30 37.04 21.77
N GLU A 588 -5.55 38.00 22.66
CA GLU A 588 -5.43 39.42 22.31
C GLU A 588 -4.03 39.73 21.82
N LYS A 589 -3.04 39.26 22.58
CA LYS A 589 -1.63 39.44 22.23
C LYS A 589 -1.30 38.70 20.94
N GLU A 590 -1.79 37.48 20.82
CA GLU A 590 -1.54 36.64 19.64
C GLU A 590 -2.04 37.29 18.36
N VAL A 591 -3.28 37.77 18.39
CA VAL A 591 -3.91 38.35 17.22
C VAL A 591 -3.26 39.67 16.79
N GLU A 592 -2.81 40.45 17.76
CA GLU A 592 -2.09 41.70 17.51
C GLU A 592 -0.77 41.44 16.80
N GLU A 593 -0.03 40.46 17.31
CA GLU A 593 1.23 40.02 16.71
C GLU A 593 1.01 39.50 15.28
N ILE A 594 -0.02 38.66 15.08
CA ILE A 594 -0.35 38.18 13.73
C ILE A 594 -0.64 39.38 12.80
N ASP A 595 -1.45 40.33 13.26
CA ASP A 595 -1.78 41.54 12.51
CA ASP A 595 -1.78 41.52 12.49
C ASP A 595 -0.51 42.26 12.05
N LYS A 596 0.35 42.59 13.02
CA LYS A 596 1.59 43.33 12.73
C LYS A 596 2.48 42.57 11.73
N TYR A 597 2.62 41.26 11.94
CA TYR A 597 3.41 40.43 11.03
C TYR A 597 2.86 40.49 9.60
N LEU A 598 1.56 40.25 9.44
CA LEU A 598 0.95 40.18 8.13
C LEU A 598 0.98 41.54 7.41
N GLU A 599 0.76 42.61 8.16
CA GLU A 599 0.82 43.98 7.62
C GLU A 599 2.23 44.28 7.11
N ASP A 600 3.23 43.96 7.93
CA ASP A 600 4.63 44.17 7.58
C ASP A 600 5.05 43.32 6.40
N GLN A 601 4.95 42.00 6.57
CA GLN A 601 5.55 41.06 5.64
C GLN A 601 4.77 40.78 4.36
N VAL A 602 3.44 41.00 4.38
CA VAL A 602 2.62 40.69 3.19
C VAL A 602 2.07 41.97 2.52
N ASN A 603 1.69 42.96 3.34
CA ASN A 603 1.39 44.31 2.88
CA ASN A 603 1.37 44.32 2.86
C ASN A 603 0.26 44.37 1.82
N ALA A 604 0.58 44.95 0.67
CA ALA A 604 -0.36 45.16 -0.42
C ALA A 604 -0.80 43.83 -1.03
N ASP A 605 -0.07 42.77 -0.71
CA ASP A 605 -0.36 41.45 -1.27
C ASP A 605 -1.20 40.54 -0.38
N LEU A 606 -1.62 41.04 0.79
CA LEU A 606 -2.52 40.29 1.67
C LEU A 606 -3.93 40.17 1.08
N PRO A 607 -4.39 38.93 0.80
CA PRO A 607 -5.76 38.79 0.29
C PRO A 607 -6.82 39.29 1.26
N TYR A 608 -7.90 39.86 0.69
CA TYR A 608 -9.03 40.40 1.43
C TYR A 608 -9.57 39.41 2.46
N GLU A 609 -9.71 38.16 2.03
CA GLU A 609 -10.22 37.11 2.93
C GLU A 609 -9.32 36.83 4.13
N ILE A 610 -8.01 37.02 3.97
CA ILE A 610 -7.11 36.83 5.12
C ILE A 610 -7.25 38.00 6.10
N GLU A 611 -7.31 39.23 5.58
CA GLU A 611 -7.63 40.43 6.36
CA GLU A 611 -7.60 40.39 6.43
C GLU A 611 -8.96 40.25 7.11
N ARG A 612 -9.95 39.68 6.40
CA ARG A 612 -11.27 39.43 6.98
C ARG A 612 -11.22 38.41 8.12
N GLU A 613 -10.50 37.31 7.94
CA GLU A 613 -10.37 36.29 8.99
C GLU A 613 -9.69 36.87 10.23
N LEU A 614 -8.68 37.71 10.00
CA LEU A 614 -7.97 38.38 11.07
C LEU A 614 -8.92 39.25 11.90
N ARG A 615 -9.69 40.09 11.22
CA ARG A 615 -10.72 40.92 11.84
C ARG A 615 -11.72 40.08 12.63
N ALA A 616 -12.19 39.00 11.99
CA ALA A 616 -13.18 38.09 12.60
C ALA A 616 -12.67 37.48 13.90
N LEU A 617 -11.41 37.02 13.89
CA LEU A 617 -10.77 36.47 15.08
C LEU A 617 -10.62 37.51 16.20
N LYS A 618 -10.11 38.70 15.87
CA LYS A 618 -9.99 39.78 16.84
CA LYS A 618 -10.01 39.81 16.82
C LYS A 618 -11.34 40.07 17.50
N GLN A 619 -12.40 40.04 16.70
CA GLN A 619 -13.75 40.33 17.15
C GLN A 619 -14.27 39.24 18.07
N ARG A 620 -14.07 37.97 17.71
CA ARG A 620 -14.48 36.87 18.58
C ARG A 620 -13.77 36.93 19.94
N ILE A 621 -12.46 37.21 19.90
CA ILE A 621 -11.66 37.41 21.12
C ILE A 621 -12.18 38.60 21.94
N SER A 622 -12.48 39.72 21.27
CA SER A 622 -12.98 40.92 21.97
C SER A 622 -14.25 40.65 22.76
N GLN A 623 -14.97 39.60 22.39
CA GLN A 623 -16.28 39.28 22.96
C GLN A 623 -16.25 38.27 24.11
N MET A 624 -15.08 37.70 24.42
CA MET A 624 -14.96 36.83 25.59
C MET A 624 -14.75 37.63 26.89
N GLN B 6 9.20 -15.77 -41.51
CA GLN B 6 10.46 -15.18 -40.97
C GLN B 6 11.53 -15.04 -42.05
N LEU B 7 12.34 -13.98 -41.94
CA LEU B 7 13.50 -13.79 -42.83
C LEU B 7 14.75 -14.47 -42.28
N HIS B 8 14.68 -14.85 -41.00
CA HIS B 8 15.78 -15.50 -40.31
C HIS B 8 15.30 -16.78 -39.60
N ASN B 9 15.64 -16.95 -38.32
CA ASN B 9 15.41 -18.24 -37.63
C ASN B 9 14.92 -18.14 -36.17
N GLY B 10 14.29 -17.02 -35.81
CA GLY B 10 13.99 -16.73 -34.41
C GLY B 10 12.54 -16.78 -33.96
N LEU B 11 11.61 -16.92 -34.91
CA LEU B 11 10.19 -16.83 -34.58
C LEU B 11 9.51 -18.18 -34.42
N ASP B 12 10.00 -19.17 -35.17
CA ASP B 12 9.53 -20.56 -35.08
C ASP B 12 10.22 -21.28 -33.91
N PHE B 13 9.44 -21.62 -32.88
CA PHE B 13 9.95 -22.27 -31.66
C PHE B 13 9.83 -23.79 -31.63
N SER B 14 9.52 -24.39 -32.78
CA SER B 14 9.36 -25.85 -32.92
C SER B 14 10.55 -26.66 -32.39
N ALA B 15 11.76 -26.18 -32.66
CA ALA B 15 12.98 -26.89 -32.28
C ALA B 15 13.15 -26.98 -30.75
N LYS B 16 12.42 -26.16 -30.01
CA LYS B 16 12.56 -26.08 -28.55
C LYS B 16 11.48 -26.85 -27.78
N VAL B 17 10.56 -27.48 -28.50
CA VAL B 17 9.47 -28.26 -27.89
C VAL B 17 9.97 -29.62 -27.42
N ILE B 18 9.86 -29.88 -26.12
CA ILE B 18 10.35 -31.12 -25.53
C ILE B 18 9.26 -32.11 -25.15
N GLN B 19 8.01 -31.65 -25.19
CA GLN B 19 6.85 -32.53 -25.09
C GLN B 19 5.68 -31.92 -25.86
N GLY B 20 5.02 -32.74 -26.67
CA GLY B 20 3.94 -32.26 -27.52
C GLY B 20 4.49 -31.73 -28.82
N SER B 21 3.67 -30.96 -29.51
CA SER B 21 4.01 -30.40 -30.82
C SER B 21 3.23 -29.10 -31.05
N LEU B 22 3.92 -28.06 -31.52
CA LEU B 22 3.24 -26.81 -31.89
C LEU B 22 2.22 -27.02 -33.02
N ASP B 23 2.53 -27.96 -33.92
CA ASP B 23 1.65 -28.32 -35.05
C ASP B 23 0.32 -28.96 -34.63
N SER B 24 0.34 -29.65 -33.49
CA SER B 24 -0.84 -30.34 -32.97
CA SER B 24 -0.85 -30.34 -32.98
C SER B 24 -1.80 -29.39 -32.23
N LEU B 25 -1.27 -28.24 -31.80
CA LEU B 25 -2.08 -27.26 -31.10
C LEU B 25 -3.10 -26.59 -32.03
N PRO B 26 -4.29 -26.25 -31.49
CA PRO B 26 -5.22 -25.41 -32.24
C PRO B 26 -4.55 -24.08 -32.58
N GLN B 27 -4.90 -23.54 -33.74
CA GLN B 27 -4.33 -22.31 -34.29
C GLN B 27 -4.02 -21.24 -33.25
N GLU B 28 -5.05 -20.82 -32.51
CA GLU B 28 -4.93 -19.71 -31.54
C GLU B 28 -4.14 -20.08 -30.30
N VAL B 29 -4.10 -21.37 -29.97
CA VAL B 29 -3.23 -21.85 -28.89
C VAL B 29 -1.77 -21.71 -29.30
N ARG B 30 -1.44 -22.13 -30.52
CA ARG B 30 -0.08 -21.96 -31.05
C ARG B 30 0.38 -20.50 -31.03
N LYS B 31 -0.49 -19.60 -31.52
CA LYS B 31 -0.18 -18.16 -31.52
C LYS B 31 0.14 -17.67 -30.10
N PHE B 32 -0.68 -18.08 -29.15
CA PHE B 32 -0.51 -17.75 -27.74
C PHE B 32 0.82 -18.28 -27.18
N VAL B 33 1.09 -19.57 -27.39
CA VAL B 33 2.31 -20.20 -26.90
C VAL B 33 3.56 -19.59 -27.54
N GLU B 34 3.54 -19.46 -28.85
CA GLU B 34 4.72 -19.05 -29.60
C GLU B 34 5.01 -17.56 -29.49
N GLY B 35 3.96 -16.75 -29.49
CA GLY B 35 4.09 -15.31 -29.27
C GLY B 35 4.70 -15.00 -27.92
N ASN B 36 4.28 -15.72 -26.89
CA ASN B 36 4.88 -15.56 -25.58
C ASN B 36 6.26 -16.21 -25.41
N ALA B 37 6.52 -17.28 -26.15
CA ALA B 37 7.88 -17.85 -26.20
C ALA B 37 8.86 -16.85 -26.81
N GLN B 38 8.43 -16.19 -27.88
CA GLN B 38 9.23 -15.14 -28.53
C GLN B 38 9.54 -14.02 -27.53
N LEU B 39 8.57 -13.67 -26.70
CA LEU B 39 8.75 -12.62 -25.70
C LEU B 39 9.65 -13.03 -24.53
N CYS B 40 9.32 -14.14 -23.88
CA CYS B 40 9.94 -14.58 -22.62
CA CYS B 40 10.00 -14.49 -22.63
C CYS B 40 11.26 -15.34 -22.81
N GLN B 41 11.46 -15.86 -24.02
CA GLN B 41 12.69 -16.57 -24.41
CA GLN B 41 12.68 -16.58 -24.42
C GLN B 41 12.98 -17.81 -23.54
N PRO B 42 11.99 -18.72 -23.39
CA PRO B 42 12.31 -19.96 -22.67
C PRO B 42 13.36 -20.78 -23.42
N GLU B 43 14.06 -21.65 -22.71
CA GLU B 43 14.98 -22.57 -23.35
C GLU B 43 14.21 -23.71 -24.03
N TYR B 44 13.13 -24.12 -23.38
CA TYR B 44 12.33 -25.27 -23.80
C TYR B 44 10.85 -24.96 -23.65
N ILE B 45 10.03 -25.65 -24.44
CA ILE B 45 8.58 -25.59 -24.30
C ILE B 45 8.07 -27.02 -24.04
N HIS B 46 7.36 -27.19 -22.93
CA HIS B 46 6.78 -28.48 -22.55
C HIS B 46 5.27 -28.30 -22.58
N ILE B 47 4.61 -28.97 -23.52
CA ILE B 47 3.15 -28.96 -23.58
C ILE B 47 2.67 -30.08 -22.66
N CYS B 48 2.05 -29.69 -21.54
CA CYS B 48 1.64 -30.67 -20.53
C CYS B 48 0.57 -31.61 -21.05
N ASP B 49 0.69 -32.89 -20.74
CA ASP B 49 -0.34 -33.88 -21.09
C ASP B 49 -1.20 -34.31 -19.91
N GLY B 50 -0.82 -33.90 -18.69
CA GLY B 50 -1.57 -34.22 -17.47
C GLY B 50 -1.47 -35.66 -17.00
N SER B 51 -0.52 -36.42 -17.56
CA SER B 51 -0.41 -37.86 -17.29
C SER B 51 0.26 -38.11 -15.93
N GLU B 52 0.03 -39.30 -15.41
N GLU B 52 0.03 -39.30 -15.39
CA GLU B 52 0.63 -39.77 -14.16
CA GLU B 52 0.67 -39.71 -14.13
C GLU B 52 2.15 -39.77 -14.24
C GLU B 52 2.18 -39.73 -14.24
N GLU B 53 2.68 -40.17 -15.39
CA GLU B 53 4.13 -40.22 -15.64
C GLU B 53 4.76 -38.82 -15.69
N GLU B 54 4.09 -37.88 -16.36
CA GLU B 54 4.56 -36.51 -16.42
C GLU B 54 4.65 -35.91 -15.02
N TYR B 55 3.63 -36.20 -14.22
CA TYR B 55 3.50 -35.68 -12.86
C TYR B 55 4.59 -36.21 -11.97
N GLY B 56 4.77 -37.54 -11.98
CA GLY B 56 5.77 -38.21 -11.16
C GLY B 56 7.19 -37.83 -11.52
N ARG B 57 7.48 -37.72 -12.81
CA ARG B 57 8.81 -37.31 -13.27
CA ARG B 57 8.80 -37.30 -13.30
C ARG B 57 9.13 -35.84 -12.93
N LEU B 58 8.10 -34.99 -12.99
CA LEU B 58 8.22 -33.56 -12.65
C LEU B 58 8.55 -33.39 -11.17
N LEU B 59 7.84 -34.14 -10.32
CA LEU B 59 8.07 -34.15 -8.89
C LEU B 59 9.45 -34.64 -8.52
N ALA B 60 9.87 -35.75 -9.13
CA ALA B 60 11.20 -36.30 -8.90
C ALA B 60 12.29 -35.30 -9.30
N HIS B 61 12.06 -34.60 -10.41
CA HIS B 61 13.01 -33.60 -10.89
C HIS B 61 13.13 -32.40 -9.93
N MET B 62 12.00 -31.93 -9.41
CA MET B 62 11.99 -30.87 -8.41
C MET B 62 12.71 -31.33 -7.14
N GLN B 63 12.48 -32.57 -6.74
CA GLN B 63 13.19 -33.19 -5.63
C GLN B 63 14.71 -33.19 -5.83
N GLU B 64 15.18 -33.57 -7.02
N GLU B 64 15.15 -33.59 -7.04
CA GLU B 64 16.62 -33.57 -7.32
CA GLU B 64 16.56 -33.56 -7.46
C GLU B 64 17.24 -32.16 -7.34
C GLU B 64 17.18 -32.18 -7.26
N GLU B 65 16.41 -31.16 -7.62
CA GLU B 65 16.87 -29.77 -7.64
C GLU B 65 16.80 -29.07 -6.28
N GLY B 66 16.27 -29.77 -5.28
CA GLY B 66 16.09 -29.23 -3.94
C GLY B 66 14.88 -28.30 -3.84
N VAL B 67 13.99 -28.39 -4.81
CA VAL B 67 12.83 -27.50 -4.88
C VAL B 67 11.68 -27.98 -4.00
N ILE B 68 11.55 -29.30 -3.87
CA ILE B 68 10.59 -29.93 -2.95
C ILE B 68 11.23 -31.11 -2.26
N ARG B 69 10.63 -31.54 -1.15
CA ARG B 69 11.04 -32.74 -0.42
C ARG B 69 9.92 -33.76 -0.40
N LYS B 70 10.26 -35.03 -0.56
CA LYS B 70 9.28 -36.09 -0.35
C LYS B 70 9.00 -36.27 1.14
N LEU B 71 7.72 -36.36 1.50
CA LEU B 71 7.33 -36.67 2.87
C LEU B 71 7.14 -38.18 3.00
N LYS B 72 8.17 -38.86 3.52
CA LYS B 72 8.22 -40.33 3.52
C LYS B 72 7.21 -41.04 4.43
N LYS B 73 6.59 -40.31 5.36
CA LYS B 73 5.58 -40.91 6.24
C LYS B 73 4.30 -41.25 5.48
N TYR B 74 4.04 -40.47 4.43
CA TYR B 74 2.81 -40.59 3.66
C TYR B 74 3.01 -41.15 2.26
N ASP B 75 1.89 -41.40 1.59
CA ASP B 75 1.85 -41.91 0.24
C ASP B 75 1.87 -40.73 -0.76
N ASN B 76 2.98 -40.60 -1.50
CA ASN B 76 3.11 -39.60 -2.58
C ASN B 76 2.76 -38.17 -2.13
N CYS B 77 3.31 -37.75 -0.99
CA CYS B 77 3.11 -36.38 -0.49
C CYS B 77 4.43 -35.62 -0.49
N TRP B 78 4.33 -34.32 -0.71
CA TRP B 78 5.49 -33.47 -0.98
C TRP B 78 5.43 -32.16 -0.19
N LEU B 79 6.60 -31.60 0.08
CA LEU B 79 6.71 -30.36 0.85
C LEU B 79 7.57 -29.33 0.15
N ALA B 80 6.99 -28.15 -0.08
CA ALA B 80 7.76 -27.01 -0.58
C ALA B 80 7.89 -25.94 0.50
N LEU B 81 9.11 -25.43 0.67
CA LEU B 81 9.35 -24.30 1.56
C LEU B 81 9.78 -23.12 0.70
N THR B 82 9.13 -21.99 0.88
CA THR B 82 9.32 -20.84 0.01
C THR B 82 10.28 -19.80 0.60
N ASP B 83 10.67 -18.86 -0.26
CA ASP B 83 11.29 -17.59 0.16
C ASP B 83 10.29 -16.89 1.09
N PRO B 84 10.73 -16.50 2.31
CA PRO B 84 9.79 -15.86 3.25
C PRO B 84 9.13 -14.57 2.71
N ARG B 85 9.65 -14.04 1.61
CA ARG B 85 9.06 -12.89 0.92
C ARG B 85 7.87 -13.26 0.02
N ASP B 86 7.70 -14.56 -0.24
CA ASP B 86 6.65 -15.03 -1.14
C ASP B 86 5.78 -16.09 -0.47
N VAL B 87 4.86 -15.63 0.40
CA VAL B 87 4.11 -16.52 1.30
C VAL B 87 2.59 -16.40 1.21
N ALA B 88 2.10 -15.51 0.34
CA ALA B 88 0.68 -15.22 0.22
C ALA B 88 0.32 -14.46 -1.06
N ARG B 89 -0.97 -14.50 -1.41
CA ARG B 89 -1.58 -13.55 -2.33
C ARG B 89 -1.21 -12.16 -1.87
N ILE B 90 -0.79 -11.30 -2.79
CA ILE B 90 -0.50 -9.91 -2.45
C ILE B 90 -1.53 -8.98 -3.06
N GLU B 91 -2.47 -8.50 -2.25
CA GLU B 91 -3.57 -7.69 -2.75
C GLU B 91 -3.12 -6.37 -3.36
N SER B 92 -2.12 -5.73 -2.74
CA SER B 92 -1.64 -4.42 -3.18
C SER B 92 -0.93 -4.44 -4.54
N LYS B 93 -0.62 -5.62 -5.03
CA LYS B 93 0.06 -5.76 -6.31
C LYS B 93 -0.84 -6.50 -7.31
N THR B 94 -2.13 -6.56 -6.97
CA THR B 94 -3.13 -7.20 -7.81
C THR B 94 -4.04 -6.15 -8.43
N VAL B 95 -4.18 -6.20 -9.76
CA VAL B 95 -4.86 -5.14 -10.52
C VAL B 95 -5.74 -5.64 -11.63
N ILE B 96 -6.74 -4.82 -11.99
CA ILE B 96 -7.58 -5.10 -13.15
C ILE B 96 -7.50 -3.94 -14.15
N ILE B 97 -7.38 -4.28 -15.42
CA ILE B 97 -7.19 -3.31 -16.50
C ILE B 97 -8.48 -3.15 -17.32
N THR B 98 -9.01 -1.93 -17.34
CA THR B 98 -10.14 -1.57 -18.21
C THR B 98 -9.92 -0.15 -18.72
N GLN B 99 -10.60 0.22 -19.81
CA GLN B 99 -10.52 1.57 -20.36
C GLN B 99 -10.94 2.63 -19.34
N GLU B 100 -12.06 2.38 -18.66
CA GLU B 100 -12.58 3.29 -17.65
CA GLU B 100 -12.58 3.30 -17.64
C GLU B 100 -12.46 2.69 -16.25
N GLN B 101 -11.89 3.45 -15.32
CA GLN B 101 -11.74 2.98 -13.95
C GLN B 101 -13.08 2.53 -13.34
N ARG B 102 -14.15 3.24 -13.69
CA ARG B 102 -15.48 2.99 -13.13
C ARG B 102 -16.02 1.59 -13.45
N ASP B 103 -15.58 1.01 -14.56
CA ASP B 103 -15.99 -0.36 -14.91
C ASP B 103 -15.38 -1.39 -13.96
N THR B 104 -14.30 -1.00 -13.29
CA THR B 104 -13.56 -1.89 -12.38
C THR B 104 -13.92 -1.70 -10.91
N VAL B 105 -13.98 -0.45 -10.46
CA VAL B 105 -14.33 -0.11 -9.09
C VAL B 105 -15.26 1.12 -9.10
N PRO B 106 -16.20 1.19 -8.15
CA PRO B 106 -16.92 2.46 -8.01
C PRO B 106 -15.94 3.58 -7.66
N ILE B 107 -16.25 4.80 -8.11
CA ILE B 107 -15.45 5.96 -7.76
C ILE B 107 -15.91 6.42 -6.37
N PRO B 108 -15.03 6.31 -5.37
CA PRO B 108 -15.44 6.57 -3.99
C PRO B 108 -15.77 8.03 -3.74
N LYS B 109 -16.68 8.30 -2.81
CA LYS B 109 -17.10 9.65 -2.49
C LYS B 109 -16.00 10.50 -1.82
N SER B 110 -15.29 9.93 -0.85
CA SER B 110 -14.29 10.69 -0.10
C SER B 110 -12.92 10.02 -0.02
N GLY B 111 -12.90 8.69 0.01
CA GLY B 111 -11.66 7.97 0.25
C GLY B 111 -11.12 7.15 -0.90
N GLN B 112 -10.14 6.31 -0.56
CA GLN B 112 -9.52 5.38 -1.49
CA GLN B 112 -9.55 5.40 -1.53
C GLN B 112 -10.39 4.13 -1.58
N SER B 113 -10.53 3.57 -2.78
CA SER B 113 -11.33 2.34 -2.94
C SER B 113 -10.68 1.18 -2.20
N GLN B 114 -11.50 0.41 -1.51
CA GLN B 114 -11.11 -0.86 -0.91
C GLN B 114 -11.68 -2.02 -1.75
N LEU B 115 -12.30 -1.71 -2.88
CA LEU B 115 -13.09 -2.70 -3.63
C LEU B 115 -12.41 -3.26 -4.87
N GLY B 116 -11.15 -2.88 -5.07
CA GLY B 116 -10.34 -3.34 -6.19
C GLY B 116 -9.28 -2.31 -6.49
N ARG B 117 -8.37 -2.66 -7.41
CA ARG B 117 -7.32 -1.74 -7.85
CA ARG B 117 -7.30 -1.75 -7.84
C ARG B 117 -7.28 -1.72 -9.37
N TRP B 118 -7.46 -0.53 -9.94
CA TRP B 118 -7.48 -0.36 -11.38
C TRP B 118 -6.16 0.19 -11.90
N MET B 119 -5.78 -0.26 -13.09
CA MET B 119 -4.63 0.27 -13.81
C MET B 119 -5.01 0.44 -15.29
N SER B 120 -4.64 1.57 -15.89
CA SER B 120 -4.93 1.79 -17.33
C SER B 120 -4.13 0.82 -18.19
N GLU B 121 -4.55 0.59 -19.43
N GLU B 121 -4.60 0.61 -19.42
CA GLU B 121 -3.82 -0.33 -20.32
CA GLU B 121 -3.92 -0.22 -20.42
C GLU B 121 -2.44 0.23 -20.73
C GLU B 121 -2.49 0.24 -20.66
N GLU B 122 -2.31 1.55 -20.79
CA GLU B 122 -1.00 2.17 -21.05
C GLU B 122 -0.02 2.00 -19.89
N ASP B 123 -0.50 2.19 -18.65
CA ASP B 123 0.32 1.96 -17.46
C ASP B 123 0.70 0.47 -17.35
N PHE B 124 -0.24 -0.43 -17.66
CA PHE B 124 0.08 -1.85 -17.58
C PHE B 124 1.12 -2.27 -18.62
N GLU B 125 1.01 -1.69 -19.82
N GLU B 125 1.04 -1.69 -19.82
CA GLU B 125 1.94 -1.95 -20.92
CA GLU B 125 1.96 -2.05 -20.88
C GLU B 125 3.38 -1.69 -20.49
C GLU B 125 3.41 -1.68 -20.55
N LYS B 126 3.60 -0.57 -19.82
CA LYS B 126 4.93 -0.19 -19.33
C LYS B 126 5.44 -1.19 -18.28
N ALA B 127 4.57 -1.55 -17.33
CA ALA B 127 4.88 -2.54 -16.30
C ALA B 127 5.23 -3.89 -16.93
N PHE B 128 4.41 -4.31 -17.88
CA PHE B 128 4.62 -5.53 -18.66
C PHE B 128 5.98 -5.54 -19.37
N ASN B 129 6.30 -4.46 -20.06
CA ASN B 129 7.59 -4.32 -20.74
C ASN B 129 8.80 -4.32 -19.80
N ALA B 130 8.60 -3.87 -18.57
CA ALA B 130 9.67 -3.85 -17.56
C ALA B 130 9.88 -5.21 -16.89
N ARG B 131 9.06 -6.21 -17.27
CA ARG B 131 9.03 -7.49 -16.57
C ARG B 131 9.27 -8.70 -17.47
N PHE B 132 8.41 -8.89 -18.46
CA PHE B 132 8.36 -10.16 -19.20
C PHE B 132 9.43 -10.42 -20.27
N PRO B 133 9.84 -9.39 -21.04
CA PRO B 133 10.85 -9.71 -22.07
C PRO B 133 12.10 -10.44 -21.51
N GLY B 134 12.38 -11.61 -22.07
CA GLY B 134 13.51 -12.43 -21.60
C GLY B 134 13.39 -13.10 -20.24
N CYS B 135 12.22 -13.05 -19.60
CA CYS B 135 12.08 -13.53 -18.22
C CYS B 135 12.21 -15.06 -17.99
N MET B 136 12.10 -15.85 -19.06
CA MET B 136 12.19 -17.30 -18.94
C MET B 136 13.49 -17.88 -19.49
N LYS B 137 14.47 -17.02 -19.75
CA LYS B 137 15.78 -17.45 -20.25
C LYS B 137 16.35 -18.57 -19.37
N GLY B 138 16.79 -19.65 -20.01
CA GLY B 138 17.36 -20.80 -19.31
C GLY B 138 16.35 -21.71 -18.61
N ARG B 139 15.06 -21.42 -18.73
CA ARG B 139 14.00 -22.23 -18.11
C ARG B 139 13.06 -22.87 -19.12
N THR B 140 12.29 -23.85 -18.65
CA THR B 140 11.23 -24.47 -19.46
C THR B 140 9.94 -23.64 -19.33
N MET B 141 9.32 -23.30 -20.46
CA MET B 141 7.95 -22.80 -20.43
C MET B 141 7.01 -23.98 -20.53
N TYR B 142 6.25 -24.20 -19.46
CA TYR B 142 5.22 -25.23 -19.42
C TYR B 142 3.92 -24.68 -19.98
N VAL B 143 3.25 -25.49 -20.79
CA VAL B 143 1.94 -25.10 -21.33
C VAL B 143 0.89 -25.97 -20.67
N ILE B 144 0.05 -25.38 -19.82
CA ILE B 144 -0.97 -26.11 -19.05
C ILE B 144 -2.36 -25.83 -19.62
N PRO B 145 -2.91 -26.79 -20.39
CA PRO B 145 -4.30 -26.66 -20.82
C PRO B 145 -5.21 -27.14 -19.69
N PHE B 146 -6.08 -26.28 -19.18
CA PHE B 146 -6.90 -26.68 -18.03
C PHE B 146 -8.38 -26.35 -18.16
N SER B 147 -9.22 -27.17 -17.52
CA SER B 147 -10.64 -26.90 -17.44
C SER B 147 -11.02 -26.54 -16.02
N MET B 148 -11.76 -25.43 -15.90
CA MET B 148 -12.40 -25.07 -14.65
C MET B 148 -13.81 -25.59 -14.71
N GLY B 149 -14.10 -26.58 -13.87
CA GLY B 149 -15.39 -27.24 -13.89
C GLY B 149 -15.26 -28.59 -14.57
N PRO B 150 -16.23 -29.49 -14.34
CA PRO B 150 -16.17 -30.80 -15.00
C PRO B 150 -15.94 -30.65 -16.51
N LEU B 151 -15.01 -31.44 -17.05
CA LEU B 151 -14.74 -31.41 -18.48
C LEU B 151 -16.01 -31.62 -19.28
N GLY B 152 -16.34 -30.67 -20.15
CA GLY B 152 -17.56 -30.80 -20.97
C GLY B 152 -18.87 -30.49 -20.24
N SER B 153 -18.78 -29.87 -19.06
CA SER B 153 -19.94 -29.29 -18.41
C SER B 153 -20.30 -28.01 -19.17
N PRO B 154 -21.59 -27.76 -19.42
CA PRO B 154 -22.02 -26.51 -20.04
C PRO B 154 -21.58 -25.26 -19.27
N LEU B 155 -21.30 -25.43 -17.97
CA LEU B 155 -20.85 -24.31 -17.13
C LEU B 155 -19.32 -24.22 -17.02
N ALA B 156 -18.62 -25.24 -17.51
CA ALA B 156 -17.14 -25.27 -17.49
C ALA B 156 -16.49 -24.27 -18.45
N LYS B 157 -15.28 -23.82 -18.12
CA LYS B 157 -14.53 -22.92 -18.98
C LYS B 157 -13.06 -23.31 -19.03
N ILE B 158 -12.48 -23.18 -20.22
CA ILE B 158 -11.11 -23.60 -20.47
C ILE B 158 -10.10 -22.44 -20.43
N GLY B 159 -8.93 -22.71 -19.87
CA GLY B 159 -7.81 -21.77 -19.88
C GLY B 159 -6.54 -22.45 -20.33
N ILE B 160 -5.57 -21.66 -20.76
CA ILE B 160 -4.20 -22.15 -21.01
C ILE B 160 -3.25 -21.31 -20.16
N GLU B 161 -2.55 -21.95 -19.22
CA GLU B 161 -1.54 -21.24 -18.43
C GLU B 161 -0.13 -21.57 -18.87
N LEU B 162 0.60 -20.55 -19.26
CA LEU B 162 2.03 -20.66 -19.48
C LEU B 162 2.73 -20.29 -18.17
N THR B 163 3.65 -21.15 -17.73
CA THR B 163 4.44 -20.90 -16.53
C THR B 163 5.85 -21.45 -16.67
N ASP B 164 6.77 -20.84 -15.94
CA ASP B 164 8.13 -21.37 -15.85
C ASP B 164 8.39 -22.09 -14.51
N SER B 165 7.31 -22.35 -13.78
CA SER B 165 7.41 -22.99 -12.47
C SER B 165 6.80 -24.40 -12.49
N PRO B 166 7.64 -25.44 -12.34
CA PRO B 166 7.17 -26.81 -12.15
C PRO B 166 6.21 -26.96 -10.95
N TYR B 167 6.47 -26.24 -9.86
CA TYR B 167 5.57 -26.20 -8.68
C TYR B 167 4.14 -25.82 -9.07
N VAL B 168 4.02 -24.85 -9.98
CA VAL B 168 2.73 -24.39 -10.50
C VAL B 168 2.06 -25.50 -11.34
N VAL B 169 2.85 -26.17 -12.19
CA VAL B 169 2.33 -27.31 -13.00
C VAL B 169 1.76 -28.40 -12.10
N ALA B 170 2.56 -28.83 -11.12
CA ALA B 170 2.13 -29.88 -10.19
C ALA B 170 0.85 -29.46 -9.46
N SER B 171 0.84 -28.23 -8.95
CA SER B 171 -0.29 -27.72 -8.17
C SER B 171 -1.54 -27.52 -9.03
N MET B 172 -1.33 -27.09 -10.27
CA MET B 172 -2.43 -26.96 -11.25
C MET B 172 -3.03 -28.30 -11.65
N ARG B 173 -2.22 -29.35 -11.64
CA ARG B 173 -2.74 -30.70 -11.91
C ARG B 173 -3.77 -31.12 -10.85
N ILE B 174 -3.53 -30.71 -9.61
CA ILE B 174 -4.44 -31.04 -8.51
C ILE B 174 -5.68 -30.13 -8.51
N MET B 175 -5.44 -28.84 -8.66
CA MET B 175 -6.46 -27.81 -8.46
C MET B 175 -7.39 -27.57 -9.65
N THR B 176 -7.02 -28.10 -10.82
CA THR B 176 -7.83 -28.01 -12.04
C THR B 176 -7.81 -29.34 -12.75
N ARG B 177 -8.59 -29.47 -13.81
CA ARG B 177 -8.49 -30.61 -14.72
C ARG B 177 -7.55 -30.20 -15.82
N MET B 178 -6.44 -30.91 -15.96
CA MET B 178 -5.45 -30.46 -16.93
C MET B 178 -4.86 -31.55 -17.78
N GLY B 179 -4.46 -31.18 -18.99
CA GLY B 179 -3.80 -32.11 -19.90
C GLY B 179 -4.39 -32.20 -21.29
N THR B 180 -4.07 -33.31 -21.96
CA THR B 180 -4.38 -33.50 -23.37
C THR B 180 -5.88 -33.51 -23.67
N SER B 181 -6.67 -34.14 -22.79
CA SER B 181 -8.12 -34.20 -22.97
C SER B 181 -8.76 -32.81 -22.97
N VAL B 182 -8.14 -31.85 -22.27
CA VAL B 182 -8.63 -30.48 -22.30
C VAL B 182 -8.42 -29.83 -23.67
N LEU B 183 -7.23 -30.00 -24.26
CA LEU B 183 -6.94 -29.48 -25.60
C LEU B 183 -7.89 -30.04 -26.64
N GLU B 184 -8.22 -31.32 -26.50
CA GLU B 184 -9.10 -32.02 -27.42
C GLU B 184 -10.54 -31.53 -27.26
N ALA B 185 -10.94 -31.27 -26.01
CA ALA B 185 -12.23 -30.65 -25.72
C ALA B 185 -12.29 -29.20 -26.23
N LEU B 186 -11.19 -28.47 -26.07
CA LEU B 186 -11.13 -27.07 -26.48
C LEU B 186 -11.37 -26.85 -27.98
N GLY B 187 -10.71 -27.65 -28.81
CA GLY B 187 -10.78 -27.49 -30.26
C GLY B 187 -10.36 -26.09 -30.67
N ASP B 188 -11.12 -25.48 -31.57
CA ASP B 188 -10.84 -24.10 -31.99
C ASP B 188 -11.59 -23.05 -31.17
N GLY B 189 -12.19 -23.48 -30.07
CA GLY B 189 -12.97 -22.57 -29.22
C GLY B 189 -12.11 -21.57 -28.46
N GLU B 190 -12.78 -20.68 -27.74
CA GLU B 190 -12.12 -19.63 -26.98
C GLU B 190 -11.59 -20.15 -25.64
N PHE B 191 -10.51 -19.53 -25.18
CA PHE B 191 -9.89 -19.89 -23.91
C PHE B 191 -9.36 -18.64 -23.21
N ILE B 192 -9.31 -18.67 -21.89
CA ILE B 192 -8.66 -17.59 -21.12
C ILE B 192 -7.14 -17.75 -21.24
N LYS B 193 -6.47 -16.66 -21.64
CA LYS B 193 -5.03 -16.66 -21.82
CA LYS B 193 -5.03 -16.66 -21.81
C LYS B 193 -4.36 -16.33 -20.49
N CYS B 194 -3.65 -17.30 -19.92
CA CYS B 194 -3.00 -17.09 -18.63
C CYS B 194 -1.49 -17.17 -18.76
N LEU B 195 -0.80 -16.11 -18.35
CA LEU B 195 0.65 -16.06 -18.45
C LEU B 195 1.31 -15.81 -17.10
N HIS B 196 2.23 -16.70 -16.73
CA HIS B 196 2.90 -16.64 -15.46
C HIS B 196 4.39 -16.78 -15.58
N SER B 197 5.12 -15.98 -14.81
CA SER B 197 6.57 -16.15 -14.66
C SER B 197 6.99 -15.80 -13.23
N VAL B 198 7.91 -16.59 -12.69
CA VAL B 198 8.53 -16.32 -11.38
C VAL B 198 9.46 -15.10 -11.44
N GLY B 199 9.83 -14.71 -12.65
CA GLY B 199 10.59 -13.47 -12.88
C GLY B 199 12.08 -13.55 -12.54
N CYS B 200 12.65 -14.73 -12.72
CA CYS B 200 14.06 -14.99 -12.42
C CYS B 200 14.78 -15.69 -13.56
N PRO B 201 14.98 -14.97 -14.69
CA PRO B 201 15.70 -15.60 -15.80
C PRO B 201 17.12 -16.00 -15.40
N LEU B 202 17.61 -17.07 -16.01
CA LEU B 202 18.98 -17.49 -15.79
C LEU B 202 19.91 -16.80 -16.79
N PRO B 203 21.15 -16.46 -16.37
CA PRO B 203 21.72 -16.66 -15.04
C PRO B 203 21.07 -15.73 -14.01
N LEU B 204 20.96 -16.20 -12.77
CA LEU B 204 20.32 -15.43 -11.71
C LEU B 204 21.08 -14.13 -11.43
N LYS B 205 20.32 -13.03 -11.42
CA LYS B 205 20.88 -11.71 -11.13
C LYS B 205 20.84 -11.44 -9.63
N LYS B 206 20.02 -12.21 -8.93
CA LYS B 206 19.87 -12.10 -7.48
C LYS B 206 19.91 -13.49 -6.86
N PRO B 207 20.40 -13.61 -5.61
CA PRO B 207 20.53 -14.93 -4.97
C PRO B 207 19.20 -15.66 -4.82
N LEU B 208 19.23 -16.97 -5.04
CA LEU B 208 18.07 -17.81 -4.84
C LEU B 208 17.93 -18.10 -3.34
N VAL B 209 16.73 -17.90 -2.80
CA VAL B 209 16.47 -18.16 -1.38
C VAL B 209 15.60 -19.39 -1.23
N ASN B 210 16.12 -20.37 -0.49
CA ASN B 210 15.41 -21.63 -0.20
C ASN B 210 14.95 -22.32 -1.48
N ASN B 211 15.79 -22.24 -2.51
CA ASN B 211 15.49 -22.80 -3.83
C ASN B 211 14.11 -22.41 -4.36
N TRP B 212 13.68 -21.19 -4.03
CA TRP B 212 12.35 -20.73 -4.38
C TRP B 212 12.46 -19.47 -5.22
N ALA B 213 12.30 -19.64 -6.52
CA ALA B 213 12.40 -18.53 -7.47
C ALA B 213 11.19 -17.58 -7.35
N CYS B 214 11.48 -16.30 -7.20
CA CYS B 214 10.47 -15.26 -7.10
C CYS B 214 11.11 -13.90 -7.32
N ASN B 215 10.29 -12.90 -7.62
CA ASN B 215 10.77 -11.53 -7.78
C ASN B 215 9.80 -10.59 -7.06
N PRO B 216 9.93 -10.49 -5.71
CA PRO B 216 8.98 -9.75 -4.88
C PRO B 216 8.83 -8.28 -5.27
N GLU B 217 9.94 -7.62 -5.60
CA GLU B 217 9.92 -6.20 -5.93
C GLU B 217 9.12 -5.92 -7.20
N LEU B 218 9.11 -6.86 -8.15
CA LEU B 218 8.38 -6.71 -9.41
C LEU B 218 7.07 -7.50 -9.48
N THR B 219 6.66 -8.10 -8.37
CA THR B 219 5.43 -8.87 -8.31
C THR B 219 4.21 -8.04 -8.74
N LEU B 220 3.41 -8.64 -9.62
CA LEU B 220 2.26 -7.96 -10.20
C LEU B 220 1.34 -9.01 -10.78
N ILE B 221 0.06 -8.95 -10.38
CA ILE B 221 -0.93 -9.95 -10.82
C ILE B 221 -2.05 -9.17 -11.52
N ALA B 222 -2.06 -9.24 -12.86
CA ALA B 222 -2.95 -8.39 -13.65
C ALA B 222 -4.04 -9.17 -14.37
N HIS B 223 -5.20 -8.51 -14.54
CA HIS B 223 -6.33 -9.11 -15.25
C HIS B 223 -6.80 -8.13 -16.32
N LEU B 224 -6.98 -8.65 -17.54
CA LEU B 224 -7.43 -7.82 -18.65
C LEU B 224 -8.68 -8.48 -19.24
N PRO B 225 -9.85 -8.24 -18.59
CA PRO B 225 -11.07 -8.95 -18.98
C PRO B 225 -11.49 -8.79 -20.45
N ASP B 226 -11.22 -7.64 -21.05
CA ASP B 226 -11.61 -7.41 -22.45
C ASP B 226 -10.76 -8.20 -23.44
N ARG B 227 -9.49 -8.42 -23.10
N ARG B 227 -9.49 -8.44 -23.09
CA ARG B 227 -8.57 -9.24 -23.88
CA ARG B 227 -8.60 -9.24 -23.91
C ARG B 227 -8.70 -10.72 -23.55
C ARG B 227 -8.65 -10.73 -23.52
N ARG B 228 -9.37 -11.02 -22.43
CA ARG B 228 -9.47 -12.39 -21.93
CA ARG B 228 -9.48 -12.38 -21.90
C ARG B 228 -8.09 -12.91 -21.51
N GLU B 229 -7.34 -12.07 -20.79
CA GLU B 229 -5.96 -12.40 -20.39
C GLU B 229 -5.76 -12.19 -18.90
N ILE B 230 -4.96 -13.07 -18.29
CA ILE B 230 -4.47 -12.92 -16.92
C ILE B 230 -2.95 -12.99 -17.06
N ILE B 231 -2.26 -12.01 -16.47
CA ILE B 231 -0.82 -11.90 -16.62
C ILE B 231 -0.24 -11.66 -15.23
N SER B 232 0.56 -12.63 -14.76
CA SER B 232 1.07 -12.61 -13.38
C SER B 232 2.60 -12.80 -13.33
N PHE B 233 3.27 -11.92 -12.60
CA PHE B 233 4.74 -11.88 -12.59
C PHE B 233 5.31 -11.82 -11.17
N GLY B 234 6.34 -12.62 -10.91
CA GLY B 234 7.17 -12.44 -9.71
C GLY B 234 6.84 -13.29 -8.49
N SER B 235 5.63 -13.83 -8.44
CA SER B 235 5.27 -14.69 -7.33
C SER B 235 4.94 -16.10 -7.79
N GLY B 236 5.53 -17.08 -7.11
CA GLY B 236 5.19 -18.48 -7.36
C GLY B 236 4.09 -19.02 -6.46
N TYR B 237 3.56 -18.18 -5.57
CA TYR B 237 2.67 -18.65 -4.50
C TYR B 237 1.18 -18.67 -4.83
N GLY B 238 0.54 -19.79 -4.48
CA GLY B 238 -0.92 -19.99 -4.58
C GLY B 238 -1.77 -19.10 -5.46
N GLY B 239 -2.48 -18.16 -4.86
CA GLY B 239 -3.40 -17.27 -5.60
C GLY B 239 -2.79 -16.35 -6.62
N ASN B 240 -1.48 -16.10 -6.49
CA ASN B 240 -0.73 -15.33 -7.49
C ASN B 240 -0.33 -16.13 -8.73
N SER B 241 -0.22 -17.45 -8.61
CA SER B 241 0.46 -18.28 -9.62
C SER B 241 -0.41 -19.38 -10.19
N LEU B 242 -1.34 -19.89 -9.39
CA LEU B 242 -2.30 -20.88 -9.84
C LEU B 242 -3.47 -20.05 -10.37
N LEU B 243 -3.42 -19.78 -11.67
CA LEU B 243 -4.22 -18.70 -12.25
C LEU B 243 -5.70 -19.04 -12.47
N GLY B 244 -6.04 -20.33 -12.49
CA GLY B 244 -7.43 -20.76 -12.56
C GLY B 244 -8.27 -20.31 -11.36
N LYS B 245 -7.65 -20.29 -10.18
CA LYS B 245 -8.34 -20.14 -8.91
C LYS B 245 -8.97 -18.75 -8.70
N LYS B 246 -8.20 -17.80 -8.19
CA LYS B 246 -8.75 -16.48 -7.92
C LYS B 246 -8.86 -15.64 -9.19
N CYS B 247 -7.78 -15.64 -9.98
CA CYS B 247 -7.68 -14.75 -11.15
C CYS B 247 -8.75 -15.06 -12.21
N PHE B 248 -8.87 -16.34 -12.55
CA PHE B 248 -9.83 -16.80 -13.56
C PHE B 248 -11.21 -16.97 -12.89
N ALA B 249 -11.32 -17.88 -11.93
CA ALA B 249 -12.64 -18.34 -11.46
C ALA B 249 -13.39 -17.35 -10.56
N LEU B 250 -12.69 -16.32 -10.06
CA LEU B 250 -13.37 -15.20 -9.40
C LEU B 250 -13.31 -13.88 -10.17
N ARG B 251 -12.12 -13.40 -10.52
CA ARG B 251 -12.02 -12.06 -11.12
C ARG B 251 -12.53 -12.00 -12.55
N ILE B 252 -11.89 -12.77 -13.43
CA ILE B 252 -12.32 -12.85 -14.82
C ILE B 252 -13.75 -13.38 -14.93
N ALA B 253 -14.04 -14.49 -14.25
CA ALA B 253 -15.35 -15.15 -14.37
C ALA B 253 -16.49 -14.30 -13.82
N SER B 254 -16.25 -13.49 -12.79
CA SER B 254 -17.32 -12.63 -12.26
C SER B 254 -17.80 -11.62 -13.31
N ARG B 255 -16.86 -11.07 -14.08
CA ARG B 255 -17.19 -10.15 -15.15
C ARG B 255 -17.95 -10.87 -16.27
N LEU B 256 -17.48 -12.04 -16.67
CA LEU B 256 -18.14 -12.87 -17.67
C LEU B 256 -19.56 -13.23 -17.24
N ALA B 257 -19.68 -13.65 -15.98
CA ALA B 257 -20.97 -13.97 -15.35
C ALA B 257 -21.95 -12.79 -15.44
N LYS B 258 -21.47 -11.58 -15.16
CA LYS B 258 -22.27 -10.36 -15.30
CA LYS B 258 -22.28 -10.38 -15.29
C LYS B 258 -22.72 -10.14 -16.75
N GLU B 259 -21.81 -10.38 -17.69
CA GLU B 259 -22.08 -10.23 -19.13
C GLU B 259 -23.13 -11.23 -19.62
N GLU B 260 -23.09 -12.43 -19.07
CA GLU B 260 -23.84 -13.57 -19.62
C GLU B 260 -25.03 -14.04 -18.78
N GLY B 261 -25.19 -13.49 -17.58
CA GLY B 261 -26.35 -13.77 -16.75
C GLY B 261 -26.20 -14.82 -15.66
N TRP B 262 -24.98 -15.09 -15.22
CA TRP B 262 -24.73 -16.05 -14.14
C TRP B 262 -23.91 -15.45 -12.99
N LEU B 263 -23.44 -16.29 -12.06
CA LEU B 263 -22.70 -15.79 -10.90
C LEU B 263 -21.44 -16.61 -10.66
N ALA B 264 -20.33 -15.91 -10.39
CA ALA B 264 -19.08 -16.54 -9.97
C ALA B 264 -18.76 -15.98 -8.60
N GLU B 265 -18.81 -16.85 -7.59
CA GLU B 265 -18.84 -16.41 -6.19
C GLU B 265 -17.82 -17.12 -5.32
N HIS B 266 -17.37 -16.42 -4.28
CA HIS B 266 -16.43 -16.96 -3.32
C HIS B 266 -17.21 -17.78 -2.27
N MET B 267 -17.73 -18.93 -2.70
CA MET B 267 -18.60 -19.76 -1.86
C MET B 267 -18.22 -21.23 -1.86
N LEU B 268 -18.23 -21.84 -0.67
CA LEU B 268 -18.23 -23.29 -0.58
C LEU B 268 -19.60 -23.78 -1.06
N ILE B 269 -19.64 -25.02 -1.51
CA ILE B 269 -20.91 -25.71 -1.81
C ILE B 269 -20.92 -26.98 -0.97
N LEU B 270 -22.03 -27.22 -0.26
CA LEU B 270 -22.20 -28.48 0.46
C LEU B 270 -23.58 -29.11 0.24
N GLY B 271 -23.64 -30.43 0.28
CA GLY B 271 -24.90 -31.16 0.32
C GLY B 271 -25.18 -31.58 1.76
N ILE B 272 -26.39 -31.29 2.23
CA ILE B 272 -26.80 -31.71 3.58
C ILE B 272 -28.01 -32.62 3.55
N THR B 273 -27.92 -33.73 4.28
CA THR B 273 -28.99 -34.73 4.35
C THR B 273 -29.46 -34.93 5.79
N ASN B 274 -30.77 -34.83 5.99
CA ASN B 274 -31.38 -35.01 7.31
C ASN B 274 -31.56 -36.50 7.67
N PRO B 275 -31.96 -36.79 8.93
CA PRO B 275 -32.14 -38.18 9.36
C PRO B 275 -33.15 -38.97 8.53
N GLU B 276 -34.09 -38.29 7.90
CA GLU B 276 -35.13 -38.93 7.07
C GLU B 276 -34.68 -39.09 5.61
N GLY B 277 -33.45 -38.68 5.32
CA GLY B 277 -32.85 -38.90 4.00
C GLY B 277 -33.10 -37.82 2.96
N LYS B 278 -33.74 -36.72 3.37
CA LYS B 278 -33.97 -35.57 2.49
CA LYS B 278 -33.97 -35.58 2.48
C LYS B 278 -32.69 -34.74 2.38
N LYS B 279 -32.36 -34.30 1.17
CA LYS B 279 -31.09 -33.63 0.89
C LYS B 279 -31.27 -32.26 0.23
N LYS B 280 -30.44 -31.31 0.64
CA LYS B 280 -30.42 -29.98 0.05
C LYS B 280 -28.98 -29.52 -0.11
N TYR B 281 -28.74 -28.66 -1.10
CA TYR B 281 -27.44 -28.03 -1.27
C TYR B 281 -27.49 -26.59 -0.82
N LEU B 282 -26.42 -26.18 -0.13
CA LEU B 282 -26.27 -24.82 0.37
C LEU B 282 -24.91 -24.28 -0.07
N ALA B 283 -24.85 -22.97 -0.29
CA ALA B 283 -23.59 -22.30 -0.60
C ALA B 283 -23.30 -21.30 0.52
N ALA B 284 -22.03 -21.11 0.86
CA ALA B 284 -21.69 -20.14 1.92
C ALA B 284 -20.47 -19.31 1.55
N ALA B 285 -20.58 -18.00 1.78
CA ALA B 285 -19.51 -17.07 1.55
C ALA B 285 -19.04 -16.50 2.89
N PHE B 286 -17.83 -16.87 3.31
CA PHE B 286 -17.25 -16.33 4.54
C PHE B 286 -15.92 -15.64 4.22
N PRO B 287 -15.59 -14.56 4.95
CA PRO B 287 -14.24 -14.02 4.97
C PRO B 287 -13.24 -15.03 5.54
N SER B 288 -11.95 -14.68 5.51
CA SER B 288 -10.90 -15.58 5.97
C SER B 288 -10.98 -15.82 7.48
N ALA B 289 -10.49 -16.96 7.92
CA ALA B 289 -10.46 -17.34 9.35
C ALA B 289 -11.85 -17.46 9.98
N CYS B 290 -12.84 -17.86 9.19
CA CYS B 290 -14.22 -18.02 9.66
C CYS B 290 -14.74 -19.46 9.49
N GLY B 291 -13.80 -20.40 9.31
CA GLY B 291 -14.14 -21.82 9.27
C GLY B 291 -14.88 -22.30 8.04
N LYS B 292 -14.50 -21.76 6.89
CA LYS B 292 -15.14 -22.10 5.62
C LYS B 292 -14.92 -23.55 5.19
N THR B 293 -13.67 -23.99 5.16
CA THR B 293 -13.35 -25.37 4.82
C THR B 293 -13.88 -26.35 5.88
N ASN B 294 -13.88 -25.91 7.14
CA ASN B 294 -14.46 -26.70 8.22
C ASN B 294 -15.96 -26.96 8.05
N LEU B 295 -16.69 -25.98 7.54
CA LEU B 295 -18.12 -26.15 7.31
C LEU B 295 -18.40 -27.03 6.07
N ALA B 296 -17.60 -26.83 5.03
CA ALA B 296 -17.73 -27.57 3.77
C ALA B 296 -17.50 -29.07 3.94
N MET B 297 -16.61 -29.44 4.86
CA MET B 297 -16.45 -30.87 5.15
C MET B 297 -16.74 -31.28 6.60
N MET B 298 -17.73 -30.60 7.18
CA MET B 298 -18.16 -30.81 8.55
C MET B 298 -18.51 -32.27 8.86
N ASN B 299 -18.09 -32.70 10.04
CA ASN B 299 -18.56 -33.94 10.64
C ASN B 299 -19.67 -33.58 11.66
N PRO B 300 -20.95 -33.73 11.25
CA PRO B 300 -22.07 -33.27 12.09
C PRO B 300 -22.23 -34.04 13.41
N THR B 301 -22.51 -33.33 14.50
CA THR B 301 -22.70 -33.97 15.80
C THR B 301 -24.09 -34.59 15.96
N LEU B 302 -25.09 -34.01 15.31
CA LEU B 302 -26.46 -34.53 15.40
C LEU B 302 -26.57 -35.84 14.63
N PRO B 303 -27.06 -36.90 15.31
CA PRO B 303 -27.22 -38.22 14.69
C PRO B 303 -28.24 -38.19 13.55
N GLY B 304 -27.98 -38.96 12.50
CA GLY B 304 -28.85 -39.00 11.33
C GLY B 304 -28.49 -37.97 10.27
N TRP B 305 -27.77 -36.92 10.70
CA TRP B 305 -27.35 -35.85 9.78
C TRP B 305 -26.02 -36.14 9.10
N LYS B 306 -25.92 -35.68 7.85
CA LYS B 306 -24.75 -35.91 7.02
C LYS B 306 -24.45 -34.67 6.19
N VAL B 307 -23.18 -34.28 6.16
CA VAL B 307 -22.72 -33.22 5.28
C VAL B 307 -21.74 -33.83 4.28
N GLU B 308 -21.91 -33.48 3.02
CA GLU B 308 -21.00 -33.86 1.96
C GLU B 308 -20.48 -32.61 1.27
N CYS B 309 -19.28 -32.69 0.70
CA CYS B 309 -18.60 -31.52 0.16
C CYS B 309 -18.61 -31.50 -1.36
N VAL B 310 -19.13 -30.42 -1.95
CA VAL B 310 -19.01 -30.18 -3.40
C VAL B 310 -17.76 -29.34 -3.70
N GLY B 311 -17.58 -28.23 -2.98
CA GLY B 311 -16.34 -27.45 -3.03
C GLY B 311 -16.16 -26.65 -1.75
N ASP B 312 -14.94 -26.17 -1.51
CA ASP B 312 -14.65 -25.43 -0.27
C ASP B 312 -14.29 -23.98 -0.52
N ASP B 313 -14.41 -23.51 -1.76
CA ASP B 313 -13.92 -22.16 -2.04
C ASP B 313 -14.73 -21.31 -3.01
N ILE B 314 -14.98 -21.87 -4.19
CA ILE B 314 -15.52 -21.10 -5.31
C ILE B 314 -16.72 -21.83 -5.89
N ALA B 315 -17.76 -21.06 -6.21
CA ALA B 315 -18.98 -21.58 -6.85
C ALA B 315 -19.32 -20.77 -8.10
N TRP B 316 -19.67 -21.48 -9.17
CA TRP B 316 -20.19 -20.86 -10.39
C TRP B 316 -21.64 -21.30 -10.48
N MET B 317 -22.57 -20.35 -10.47
CA MET B 317 -24.00 -20.68 -10.40
C MET B 317 -24.79 -20.02 -11.52
N LYS B 318 -25.73 -20.77 -12.08
CA LYS B 318 -26.59 -20.28 -13.13
CA LYS B 318 -26.58 -20.30 -13.16
C LYS B 318 -27.98 -20.90 -13.02
N PHE B 319 -29.00 -20.05 -13.17
CA PHE B 319 -30.39 -20.52 -13.18
C PHE B 319 -30.64 -21.32 -14.45
N ASP B 320 -31.19 -22.52 -14.29
CA ASP B 320 -31.45 -23.38 -15.44
C ASP B 320 -32.84 -23.09 -16.01
N ALA B 321 -33.24 -23.84 -17.03
CA ALA B 321 -34.54 -23.63 -17.68
C ALA B 321 -35.73 -23.80 -16.72
N GLN B 322 -35.54 -24.56 -15.64
CA GLN B 322 -36.61 -24.81 -14.65
C GLN B 322 -36.62 -23.77 -13.54
N GLY B 323 -35.59 -22.92 -13.51
CA GLY B 323 -35.47 -21.88 -12.49
C GLY B 323 -34.68 -22.31 -11.27
N ASN B 324 -34.06 -23.49 -11.33
CA ASN B 324 -33.17 -23.92 -10.26
C ASN B 324 -31.84 -23.20 -10.36
N LEU B 325 -31.29 -22.78 -9.23
CA LEU B 325 -29.95 -22.20 -9.19
C LEU B 325 -28.91 -23.32 -9.11
N ARG B 326 -28.32 -23.65 -10.25
CA ARG B 326 -27.35 -24.73 -10.37
C ARG B 326 -25.93 -24.26 -10.12
N ALA B 327 -25.25 -24.90 -9.18
CA ALA B 327 -23.85 -24.58 -8.84
C ALA B 327 -22.90 -25.72 -9.21
N ILE B 328 -21.78 -25.35 -9.81
CA ILE B 328 -20.64 -26.26 -9.94
C ILE B 328 -19.45 -25.74 -9.16
N ASN B 329 -18.61 -26.68 -8.72
CA ASN B 329 -17.30 -26.34 -8.24
C ASN B 329 -16.36 -26.32 -9.46
N PRO B 330 -15.82 -25.13 -9.81
CA PRO B 330 -14.93 -25.08 -10.97
C PRO B 330 -13.53 -25.66 -10.66
N GLU B 331 -13.23 -25.88 -9.39
CA GLU B 331 -11.93 -26.40 -8.98
C GLU B 331 -11.93 -27.93 -8.93
N ASN B 332 -10.74 -28.52 -8.86
CA ASN B 332 -10.56 -29.98 -8.88
C ASN B 332 -9.92 -30.47 -7.58
N GLY B 333 -9.70 -29.54 -6.65
CA GLY B 333 -9.03 -29.86 -5.39
C GLY B 333 -9.23 -28.76 -4.36
N PHE B 334 -8.61 -28.94 -3.21
CA PHE B 334 -8.69 -27.99 -2.11
C PHE B 334 -7.32 -27.40 -1.83
N PHE B 335 -7.26 -26.08 -1.85
CA PHE B 335 -6.06 -25.35 -1.47
C PHE B 335 -6.32 -24.70 -0.10
N GLY B 336 -6.19 -25.53 0.94
CA GLY B 336 -6.62 -25.17 2.28
C GLY B 336 -5.51 -24.67 3.18
N VAL B 337 -5.87 -23.78 4.10
CA VAL B 337 -4.97 -23.28 5.15
C VAL B 337 -4.68 -24.43 6.10
N ALA B 338 -3.39 -24.71 6.32
CA ALA B 338 -3.00 -25.87 7.13
C ALA B 338 -3.11 -25.63 8.64
N PRO B 339 -2.48 -24.54 9.18
CA PRO B 339 -2.58 -24.30 10.63
C PRO B 339 -4.02 -24.25 11.14
N GLY B 340 -4.28 -24.90 12.27
CA GLY B 340 -5.64 -25.00 12.81
C GLY B 340 -6.40 -26.24 12.38
N THR B 341 -5.86 -26.99 11.43
CA THR B 341 -6.49 -28.24 10.95
C THR B 341 -6.12 -29.40 11.88
N SER B 342 -7.13 -29.96 12.54
CA SER B 342 -6.93 -31.11 13.43
C SER B 342 -8.07 -32.11 13.26
N VAL B 343 -7.96 -33.25 13.94
CA VAL B 343 -9.02 -34.25 13.95
C VAL B 343 -10.31 -33.70 14.61
N LYS B 344 -10.15 -32.78 15.56
CA LYS B 344 -11.30 -32.12 16.20
C LYS B 344 -11.97 -31.08 15.32
N THR B 345 -11.17 -30.27 14.63
CA THR B 345 -11.69 -29.15 13.85
C THR B 345 -12.10 -29.55 12.42
N ASN B 346 -11.38 -30.51 11.85
CA ASN B 346 -11.65 -30.98 10.49
C ASN B 346 -11.11 -32.39 10.25
N PRO B 347 -11.79 -33.41 10.80
CA PRO B 347 -11.32 -34.79 10.64
C PRO B 347 -11.29 -35.28 9.19
N ASN B 348 -12.23 -34.79 8.37
CA ASN B 348 -12.29 -35.19 6.96
C ASN B 348 -11.15 -34.62 6.12
N ALA B 349 -10.67 -33.43 6.47
CA ALA B 349 -9.47 -32.86 5.85
C ALA B 349 -8.23 -33.70 6.19
N ILE B 350 -8.12 -34.11 7.46
CA ILE B 350 -7.03 -34.95 7.93
C ILE B 350 -6.96 -36.24 7.08
N LYS B 351 -8.12 -36.83 6.79
CA LYS B 351 -8.20 -38.01 5.94
C LYS B 351 -7.83 -37.76 4.48
N THR B 352 -8.16 -36.58 3.96
CA THR B 352 -7.94 -36.26 2.55
C THR B 352 -6.44 -36.11 2.24
N ILE B 353 -5.74 -35.41 3.12
CA ILE B 353 -4.38 -34.91 2.87
C ILE B 353 -3.24 -35.92 3.13
N GLN B 354 -3.60 -37.16 3.42
CA GLN B 354 -2.58 -38.15 3.74
CA GLN B 354 -2.67 -38.25 3.75
C GLN B 354 -2.00 -38.88 2.53
N LYS B 355 -2.49 -38.55 1.34
CA LYS B 355 -1.90 -39.06 0.11
C LYS B 355 -2.03 -38.08 -1.04
N ASN B 356 -1.10 -38.18 -1.99
CA ASN B 356 -1.09 -37.39 -3.23
C ASN B 356 -1.26 -35.88 -3.01
N THR B 357 -0.63 -35.37 -1.97
CA THR B 357 -0.86 -33.98 -1.53
C THR B 357 0.43 -33.20 -1.46
N ILE B 358 0.37 -31.96 -1.93
CA ILE B 358 1.49 -31.05 -1.84
C ILE B 358 1.23 -30.05 -0.71
N PHE B 359 2.18 -29.99 0.22
CA PHE B 359 2.13 -29.05 1.34
C PHE B 359 3.12 -27.92 1.09
N THR B 360 2.77 -26.72 1.51
CA THR B 360 3.64 -25.57 1.35
C THR B 360 3.80 -24.81 2.67
N ASN B 361 5.06 -24.67 3.12
CA ASN B 361 5.40 -23.88 4.32
C ASN B 361 4.92 -24.43 5.66
N VAL B 362 4.74 -25.75 5.73
CA VAL B 362 4.46 -26.41 7.01
C VAL B 362 5.76 -26.97 7.59
N ALA B 363 5.70 -27.38 8.86
CA ALA B 363 6.83 -28.04 9.49
C ALA B 363 6.88 -29.53 9.11
N GLU B 364 8.08 -30.09 9.14
CA GLU B 364 8.27 -31.51 8.86
C GLU B 364 8.82 -32.25 10.07
N THR B 365 8.13 -33.32 10.45
CA THR B 365 8.61 -34.17 11.54
C THR B 365 9.72 -35.09 11.05
N SER B 366 10.58 -35.52 11.97
CA SER B 366 11.79 -36.29 11.64
C SER B 366 11.50 -37.66 11.01
N ASP B 367 10.26 -38.14 11.11
CA ASP B 367 9.86 -39.39 10.47
C ASP B 367 9.17 -39.15 9.13
N GLY B 368 9.27 -37.91 8.65
CA GLY B 368 8.78 -37.53 7.32
C GLY B 368 7.31 -37.22 7.26
N GLY B 369 6.74 -36.77 8.38
CA GLY B 369 5.35 -36.31 8.44
C GLY B 369 5.25 -34.79 8.49
N VAL B 370 4.03 -34.29 8.67
CA VAL B 370 3.78 -32.84 8.72
C VAL B 370 3.32 -32.35 10.09
N TYR B 371 3.57 -31.07 10.34
CA TYR B 371 3.19 -30.44 11.59
C TYR B 371 2.89 -28.95 11.43
N TRP B 372 1.94 -28.47 12.23
CA TRP B 372 1.57 -27.07 12.25
C TRP B 372 0.91 -26.70 13.57
N GLU B 373 0.80 -25.39 13.82
CA GLU B 373 0.05 -24.89 14.96
C GLU B 373 -1.40 -25.35 14.86
N GLY B 374 -1.95 -25.83 15.96
CA GLY B 374 -3.36 -26.24 16.01
C GLY B 374 -3.65 -27.63 15.48
N ILE B 375 -2.61 -28.39 15.15
CA ILE B 375 -2.77 -29.78 14.71
C ILE B 375 -3.33 -30.68 15.84
N ASP B 376 -3.14 -30.24 17.09
CA ASP B 376 -3.78 -30.84 18.28
C ASP B 376 -3.55 -32.35 18.39
N GLU B 377 -2.30 -32.75 18.18
CA GLU B 377 -1.93 -34.16 18.12
C GLU B 377 -0.51 -34.37 18.63
N PRO B 378 -0.33 -35.24 19.64
CA PRO B 378 0.99 -35.48 20.21
C PRO B 378 1.93 -36.26 19.28
N LEU B 379 3.22 -36.01 19.44
CA LEU B 379 4.25 -36.75 18.70
C LEU B 379 4.95 -37.75 19.62
N ALA B 380 5.20 -38.94 19.10
CA ALA B 380 5.86 -40.02 19.83
C ALA B 380 7.24 -39.61 20.32
N PRO B 381 7.73 -40.25 21.41
CA PRO B 381 9.08 -39.97 21.90
C PRO B 381 10.14 -40.08 20.79
N GLY B 382 11.00 -39.07 20.70
CA GLY B 382 12.09 -39.08 19.73
C GLY B 382 11.83 -38.24 18.49
N VAL B 383 10.56 -38.08 18.14
CA VAL B 383 10.19 -37.35 16.93
C VAL B 383 10.45 -35.86 17.12
N THR B 384 11.28 -35.30 16.23
CA THR B 384 11.66 -33.90 16.31
C THR B 384 11.03 -33.12 15.15
N ILE B 385 11.14 -31.79 15.20
CA ILE B 385 10.50 -30.91 14.24
C ILE B 385 11.49 -29.96 13.55
N THR B 386 11.41 -29.92 12.22
CA THR B 386 12.06 -28.91 11.40
C THR B 386 10.97 -27.94 10.95
N SER B 387 11.18 -26.64 11.22
CA SER B 387 10.20 -25.62 10.89
C SER B 387 10.18 -25.31 9.40
N TRP B 388 9.19 -24.53 8.97
CA TRP B 388 9.02 -24.14 7.57
C TRP B 388 10.20 -23.28 7.07
N LYS B 389 11.01 -22.81 8.00
CA LYS B 389 12.18 -21.99 7.70
C LYS B 389 13.45 -22.85 7.59
N ASN B 390 13.27 -24.17 7.54
CA ASN B 390 14.35 -25.16 7.50
C ASN B 390 15.32 -25.06 8.68
N LYS B 391 14.77 -25.03 9.88
CA LYS B 391 15.55 -24.96 11.11
C LYS B 391 14.91 -25.86 12.15
N GLU B 392 15.72 -26.39 13.08
CA GLU B 392 15.20 -27.19 14.18
C GLU B 392 14.26 -26.34 15.03
N TRP B 393 13.12 -26.92 15.42
CA TRP B 393 12.06 -26.18 16.10
C TRP B 393 11.54 -26.90 17.35
N ARG B 394 11.22 -26.10 18.36
CA ARG B 394 10.72 -26.58 19.65
C ARG B 394 9.42 -25.88 20.06
N PRO B 395 8.43 -26.66 20.55
CA PRO B 395 7.14 -26.17 21.07
C PRO B 395 7.19 -24.92 21.97
N GLN B 396 8.36 -24.57 22.50
CA GLN B 396 8.49 -23.43 23.40
C GLN B 396 9.17 -22.18 22.80
N ASP B 397 9.51 -22.25 21.51
CA ASP B 397 10.04 -21.10 20.77
C ASP B 397 8.94 -20.06 20.55
N GLU B 398 9.34 -18.81 20.28
CA GLU B 398 8.37 -17.74 20.04
C GLU B 398 7.73 -17.84 18.65
N GLU B 399 8.49 -18.39 17.70
CA GLU B 399 8.06 -18.47 16.31
C GLU B 399 7.21 -19.71 16.04
N PRO B 400 6.14 -19.58 15.22
CA PRO B 400 5.38 -20.75 14.77
C PRO B 400 6.25 -21.71 13.95
N CYS B 401 5.94 -23.00 14.01
CA CYS B 401 6.67 -24.01 13.22
C CYS B 401 6.25 -23.98 11.76
N ALA B 402 5.00 -23.58 11.52
CA ALA B 402 4.48 -23.42 10.15
C ALA B 402 4.10 -21.96 9.92
N HIS B 403 4.23 -21.48 8.68
CA HIS B 403 3.76 -20.13 8.36
C HIS B 403 2.24 -20.09 8.55
N PRO B 404 1.70 -18.99 9.11
CA PRO B 404 0.25 -18.92 9.34
C PRO B 404 -0.59 -19.07 8.05
N ASN B 405 0.00 -18.75 6.89
CA ASN B 405 -0.67 -18.94 5.60
C ASN B 405 -0.26 -20.21 4.85
N SER B 406 0.39 -21.14 5.56
CA SER B 406 0.82 -22.41 4.97
C SER B 406 -0.37 -23.22 4.50
N ARG B 407 -0.11 -24.14 3.57
CA ARG B 407 -1.16 -24.77 2.75
C ARG B 407 -1.04 -26.27 2.56
N PHE B 408 -2.18 -26.92 2.39
CA PHE B 408 -2.22 -28.22 1.74
C PHE B 408 -2.88 -28.08 0.37
N CYS B 409 -2.42 -28.87 -0.59
CA CYS B 409 -3.00 -28.86 -1.93
C CYS B 409 -3.34 -30.28 -2.27
N THR B 410 -4.63 -30.60 -2.23
CA THR B 410 -5.08 -31.99 -2.22
C THR B 410 -6.23 -32.25 -3.21
N PRO B 411 -6.23 -33.42 -3.90
CA PRO B 411 -7.32 -33.77 -4.83
C PRO B 411 -8.67 -33.86 -4.15
N ALA B 412 -9.69 -33.21 -4.73
CA ALA B 412 -11.05 -33.24 -4.19
C ALA B 412 -11.66 -34.66 -4.13
N SER B 413 -11.34 -35.48 -5.14
CA SER B 413 -11.82 -36.86 -5.23
C SER B 413 -11.42 -37.74 -4.03
N GLN B 414 -10.40 -37.31 -3.29
CA GLN B 414 -9.89 -38.04 -2.13
C GLN B 414 -10.62 -37.74 -0.81
N CYS B 415 -11.45 -36.69 -0.82
CA CYS B 415 -12.25 -36.39 0.36
C CYS B 415 -13.24 -37.52 0.58
N PRO B 416 -13.28 -38.07 1.81
CA PRO B 416 -14.13 -39.20 2.16
C PRO B 416 -15.61 -38.85 2.10
N ILE B 417 -15.92 -37.56 2.19
CA ILE B 417 -17.31 -37.09 2.10
C ILE B 417 -17.53 -36.24 0.85
N ILE B 418 -16.73 -36.44 -0.19
CA ILE B 418 -16.96 -35.74 -1.45
C ILE B 418 -18.37 -36.10 -1.97
N ASP B 419 -19.12 -35.08 -2.39
CA ASP B 419 -20.50 -35.29 -2.80
C ASP B 419 -20.58 -36.12 -4.08
N PRO B 420 -21.52 -37.08 -4.15
CA PRO B 420 -21.67 -37.89 -5.37
C PRO B 420 -21.89 -37.03 -6.61
N ALA B 421 -22.51 -35.87 -6.44
CA ALA B 421 -22.79 -34.97 -7.55
C ALA B 421 -21.74 -33.87 -7.77
N TRP B 422 -20.58 -33.99 -7.14
CA TRP B 422 -19.57 -32.91 -7.20
C TRP B 422 -19.03 -32.64 -8.63
N GLU B 423 -19.17 -33.64 -9.50
CA GLU B 423 -18.74 -33.52 -10.89
C GLU B 423 -19.86 -33.60 -11.88
N SER B 424 -21.10 -33.61 -11.40
CA SER B 424 -22.25 -33.64 -12.28
CA SER B 424 -22.25 -33.64 -12.27
C SER B 424 -22.23 -32.41 -13.17
N PRO B 425 -22.28 -32.62 -14.51
CA PRO B 425 -22.13 -31.49 -15.45
C PRO B 425 -23.20 -30.41 -15.34
N GLU B 426 -24.38 -30.77 -14.85
CA GLU B 426 -25.48 -29.80 -14.78
C GLU B 426 -25.47 -28.98 -13.48
N GLY B 427 -24.65 -29.39 -12.53
CA GLY B 427 -24.54 -28.65 -11.27
C GLY B 427 -25.52 -29.14 -10.23
N VAL B 428 -25.37 -28.64 -9.00
CA VAL B 428 -26.23 -29.01 -7.88
C VAL B 428 -27.22 -27.85 -7.59
N PRO B 429 -28.49 -28.18 -7.25
CA PRO B 429 -29.49 -27.14 -7.01
C PRO B 429 -29.36 -26.46 -5.65
N ILE B 430 -29.09 -25.16 -5.66
CA ILE B 430 -28.87 -24.39 -4.44
C ILE B 430 -30.19 -23.89 -3.86
N GLU B 431 -30.50 -24.32 -2.65
CA GLU B 431 -31.73 -23.90 -1.99
C GLU B 431 -31.48 -22.88 -0.88
N GLY B 432 -30.21 -22.65 -0.56
CA GLY B 432 -29.87 -21.64 0.46
C GLY B 432 -28.47 -21.07 0.30
N ILE B 433 -28.34 -19.79 0.62
CA ILE B 433 -27.05 -19.09 0.59
C ILE B 433 -26.80 -18.51 1.99
N ILE B 434 -25.60 -18.76 2.50
CA ILE B 434 -25.25 -18.37 3.86
C ILE B 434 -24.11 -17.37 3.77
N PHE B 435 -24.31 -16.23 4.41
CA PHE B 435 -23.25 -15.26 4.62
C PHE B 435 -22.78 -15.35 6.08
N GLY B 436 -21.59 -14.86 6.36
CA GLY B 436 -21.04 -15.03 7.70
C GLY B 436 -19.85 -14.16 7.99
N GLY B 437 -19.48 -14.07 9.26
CA GLY B 437 -18.34 -13.28 9.68
C GLY B 437 -17.97 -13.59 11.11
N ARG B 438 -16.79 -13.17 11.51
CA ARG B 438 -16.36 -13.30 12.88
C ARG B 438 -16.74 -12.01 13.61
N ARG B 439 -17.78 -12.07 14.45
CA ARG B 439 -18.20 -10.90 15.24
C ARG B 439 -18.29 -11.24 16.73
N PRO B 440 -17.33 -10.72 17.53
CA PRO B 440 -17.33 -11.03 18.96
C PRO B 440 -18.56 -10.47 19.70
N ALA B 441 -19.21 -9.46 19.13
CA ALA B 441 -20.36 -8.82 19.77
C ALA B 441 -21.51 -8.55 18.80
N GLY B 442 -22.72 -8.47 19.35
CA GLY B 442 -23.89 -7.89 18.67
C GLY B 442 -24.67 -8.72 17.67
N VAL B 443 -23.97 -9.57 16.92
CA VAL B 443 -24.58 -10.30 15.81
C VAL B 443 -25.00 -11.70 16.25
N PRO B 444 -26.31 -12.00 16.20
CA PRO B 444 -26.84 -13.32 16.52
C PRO B 444 -26.10 -14.48 15.87
N LEU B 445 -26.21 -15.64 16.51
CA LEU B 445 -25.65 -16.89 16.02
C LEU B 445 -26.11 -17.10 14.59
N VAL B 446 -27.40 -16.92 14.37
CA VAL B 446 -28.00 -17.10 13.04
C VAL B 446 -29.26 -16.24 12.85
N TYR B 447 -29.38 -15.66 11.66
CA TYR B 447 -30.62 -15.02 11.24
C TYR B 447 -30.88 -15.22 9.76
N GLU B 448 -32.13 -14.98 9.35
CA GLU B 448 -32.59 -15.21 7.99
C GLU B 448 -33.12 -13.90 7.40
N ALA B 449 -32.73 -13.64 6.16
CA ALA B 449 -33.12 -12.44 5.42
C ALA B 449 -34.63 -12.40 5.17
N LEU B 450 -35.19 -11.20 5.09
CA LEU B 450 -36.63 -10.98 4.96
C LEU B 450 -37.15 -11.15 3.54
N SER B 451 -36.26 -11.06 2.57
CA SER B 451 -36.60 -11.07 1.15
C SER B 451 -35.29 -11.22 0.41
N TRP B 452 -35.38 -11.37 -0.91
CA TRP B 452 -34.18 -11.38 -1.76
C TRP B 452 -33.37 -10.10 -1.62
N GLN B 453 -34.05 -8.96 -1.70
CA GLN B 453 -33.41 -7.64 -1.68
C GLN B 453 -32.70 -7.41 -0.34
N HIS B 454 -33.37 -7.77 0.76
CA HIS B 454 -32.75 -7.72 2.08
C HIS B 454 -31.54 -8.66 2.14
N GLY B 455 -31.67 -9.83 1.53
CA GLY B 455 -30.56 -10.80 1.46
C GLY B 455 -29.34 -10.24 0.77
N VAL B 456 -29.55 -9.54 -0.35
CA VAL B 456 -28.45 -8.89 -1.08
C VAL B 456 -27.81 -7.80 -0.20
N PHE B 457 -28.64 -7.06 0.52
CA PHE B 457 -28.15 -6.09 1.48
C PHE B 457 -27.28 -6.75 2.56
N VAL B 458 -27.74 -7.91 3.06
CA VAL B 458 -27.02 -8.64 4.11
C VAL B 458 -25.62 -9.06 3.63
N GLY B 459 -25.54 -9.57 2.41
CA GLY B 459 -24.23 -9.86 1.78
C GLY B 459 -23.37 -8.61 1.71
N ALA B 460 -23.96 -7.52 1.24
CA ALA B 460 -23.24 -6.26 1.06
C ALA B 460 -22.75 -5.66 2.38
N ALA B 461 -23.43 -5.99 3.46
CA ALA B 461 -23.15 -5.42 4.79
C ALA B 461 -22.16 -6.27 5.59
N MET B 462 -21.69 -7.37 5.01
CA MET B 462 -20.80 -8.29 5.74
C MET B 462 -19.55 -7.62 6.31
N ARG B 463 -19.30 -7.92 7.58
CA ARG B 463 -18.11 -7.46 8.27
C ARG B 463 -17.54 -8.61 9.10
N SER B 464 -16.26 -8.51 9.45
CA SER B 464 -15.57 -9.58 10.14
C SER B 464 -14.32 -9.08 10.83
N GLU B 465 -14.03 -9.65 11.99
CA GLU B 465 -12.91 -9.26 12.82
C GLU B 465 -11.60 -9.74 12.22
N ALA B 466 -10.59 -8.88 12.24
CA ALA B 466 -9.25 -9.24 11.80
C ALA B 466 -8.19 -8.60 12.70
N THR B 467 -6.93 -8.99 12.44
CA THR B 467 -5.73 -8.40 13.05
C THR B 467 -5.35 -9.09 14.37
N LYS B 473 -1.66 -5.93 19.20
CA LYS B 473 -2.09 -4.84 20.06
C LYS B 473 -3.62 -4.63 20.08
N GLY B 474 -4.30 -4.96 18.99
CA GLY B 474 -5.75 -4.72 18.89
C GLY B 474 -6.49 -5.34 17.71
N LYS B 475 -7.82 -5.23 17.74
CA LYS B 475 -8.68 -5.83 16.72
C LYS B 475 -9.41 -4.79 15.87
N VAL B 476 -9.68 -5.16 14.63
CA VAL B 476 -10.36 -4.32 13.65
C VAL B 476 -11.55 -5.10 13.07
N ILE B 477 -12.69 -4.43 12.96
CA ILE B 477 -13.85 -5.02 12.26
C ILE B 477 -13.84 -4.48 10.84
N MET B 478 -13.45 -5.33 9.90
CA MET B 478 -13.33 -4.89 8.51
CA MET B 478 -13.28 -4.96 8.49
C MET B 478 -14.53 -5.29 7.67
N HIS B 479 -14.72 -4.57 6.56
CA HIS B 479 -15.81 -4.87 5.64
C HIS B 479 -15.33 -5.87 4.57
N ASP B 480 -16.14 -6.88 4.31
CA ASP B 480 -15.83 -7.82 3.23
C ASP B 480 -17.13 -8.28 2.56
N PRO B 481 -17.76 -7.39 1.77
CA PRO B 481 -19.03 -7.71 1.10
C PRO B 481 -19.01 -9.00 0.27
N PHE B 482 -19.94 -9.92 0.59
CA PHE B 482 -20.09 -11.20 -0.12
C PHE B 482 -18.83 -12.08 -0.05
N ALA B 483 -17.93 -11.76 0.89
CA ALA B 483 -16.58 -12.35 0.94
C ALA B 483 -15.78 -12.14 -0.35
N MET B 484 -16.14 -11.10 -1.11
CA MET B 484 -15.55 -10.88 -2.43
C MET B 484 -14.65 -9.64 -2.53
N ARG B 485 -14.39 -8.98 -1.40
CA ARG B 485 -13.64 -7.72 -1.41
CA ARG B 485 -13.65 -7.71 -1.44
C ARG B 485 -12.35 -7.80 -2.24
N PRO B 486 -11.54 -8.86 -2.03
CA PRO B 486 -10.33 -8.91 -2.85
C PRO B 486 -10.52 -9.47 -4.26
N PHE B 487 -11.75 -9.81 -4.64
CA PHE B 487 -12.02 -10.67 -5.80
C PHE B 487 -12.99 -10.14 -6.88
N PHE B 488 -13.63 -9.00 -6.66
CA PHE B 488 -14.52 -8.41 -7.66
C PHE B 488 -13.83 -8.20 -9.01
N GLY B 489 -14.39 -8.79 -10.07
CA GLY B 489 -13.83 -8.62 -11.40
C GLY B 489 -14.25 -7.30 -12.05
N TYR B 490 -15.19 -6.61 -11.40
CA TYR B 490 -15.79 -5.39 -11.93
C TYR B 490 -16.44 -4.59 -10.80
N ASN B 491 -17.00 -3.44 -11.19
CA ASN B 491 -17.69 -2.50 -10.30
C ASN B 491 -18.66 -3.18 -9.32
N PHE B 492 -18.37 -3.04 -8.02
CA PHE B 492 -19.17 -3.70 -6.97
C PHE B 492 -20.63 -3.22 -6.94
N GLY B 493 -20.86 -1.95 -7.26
CA GLY B 493 -22.23 -1.44 -7.38
C GLY B 493 -23.01 -2.18 -8.46
N LYS B 494 -22.36 -2.39 -9.61
CA LYS B 494 -22.94 -3.13 -10.73
CA LYS B 494 -22.94 -3.13 -10.73
C LYS B 494 -23.13 -4.61 -10.37
N TYR B 495 -22.26 -5.11 -9.49
CA TYR B 495 -22.38 -6.47 -8.96
C TYR B 495 -23.64 -6.61 -8.08
N LEU B 496 -23.90 -5.62 -7.24
CA LEU B 496 -25.15 -5.59 -6.46
C LEU B 496 -26.37 -5.51 -7.38
N ALA B 497 -26.31 -4.67 -8.42
CA ALA B 497 -27.40 -4.58 -9.39
C ALA B 497 -27.66 -5.93 -10.06
N HIS B 498 -26.58 -6.65 -10.35
CA HIS B 498 -26.63 -7.99 -10.96
C HIS B 498 -27.32 -9.03 -10.06
N TRP B 499 -26.92 -9.09 -8.79
CA TRP B 499 -27.60 -9.91 -7.79
C TRP B 499 -29.09 -9.57 -7.68
N LEU B 500 -29.40 -8.28 -7.54
CA LEU B 500 -30.79 -7.82 -7.53
C LEU B 500 -31.63 -8.23 -8.77
N SER B 501 -30.99 -8.24 -9.94
CA SER B 501 -31.65 -8.54 -11.22
C SER B 501 -32.20 -9.97 -11.29
N MET B 502 -31.67 -10.85 -10.45
CA MET B 502 -32.10 -12.24 -10.38
CA MET B 502 -32.10 -12.24 -10.37
C MET B 502 -33.58 -12.35 -9.99
N ALA B 503 -34.02 -11.44 -9.11
CA ALA B 503 -35.42 -11.40 -8.68
C ALA B 503 -36.41 -11.02 -9.78
N HIS B 504 -35.91 -10.44 -10.86
CA HIS B 504 -36.75 -10.02 -11.98
C HIS B 504 -36.74 -11.04 -13.11
N ARG B 505 -36.15 -12.19 -12.83
CA ARG B 505 -36.10 -13.30 -13.76
C ARG B 505 -37.34 -14.19 -13.52
N PRO B 506 -38.23 -14.30 -14.53
CA PRO B 506 -39.38 -15.19 -14.38
C PRO B 506 -38.94 -16.63 -14.13
N ALA B 507 -39.60 -17.28 -13.18
CA ALA B 507 -39.38 -18.68 -12.82
C ALA B 507 -38.19 -18.93 -11.90
N ALA B 508 -37.29 -17.96 -11.76
CA ALA B 508 -36.13 -18.12 -10.88
C ALA B 508 -36.60 -18.51 -9.48
N LYS B 509 -36.07 -19.62 -8.98
CA LYS B 509 -36.31 -20.04 -7.60
C LYS B 509 -35.21 -19.45 -6.73
N LEU B 510 -35.49 -18.30 -6.13
CA LEU B 510 -34.50 -17.60 -5.33
C LEU B 510 -34.26 -18.36 -4.01
N PRO B 511 -33.01 -18.72 -3.74
CA PRO B 511 -32.72 -19.42 -2.49
C PRO B 511 -32.93 -18.54 -1.28
N LYS B 512 -33.20 -19.18 -0.15
CA LYS B 512 -33.28 -18.52 1.16
CA LYS B 512 -33.27 -18.47 1.13
C LYS B 512 -31.88 -17.97 1.47
N ILE B 513 -31.82 -16.81 2.12
CA ILE B 513 -30.54 -16.23 2.49
C ILE B 513 -30.44 -16.12 4.01
N PHE B 514 -29.32 -16.63 4.55
CA PHE B 514 -29.03 -16.63 5.98
C PHE B 514 -27.71 -15.93 6.27
N HIS B 515 -27.56 -15.46 7.52
CA HIS B 515 -26.27 -14.98 8.00
C HIS B 515 -25.95 -15.67 9.32
N VAL B 516 -24.69 -16.09 9.48
CA VAL B 516 -24.22 -16.79 10.68
C VAL B 516 -23.04 -16.10 11.35
N ASN B 517 -22.95 -16.31 12.66
CA ASN B 517 -21.83 -15.86 13.47
C ASN B 517 -21.49 -16.93 14.49
N TRP B 518 -20.46 -17.73 14.20
CA TRP B 518 -20.02 -18.75 15.14
C TRP B 518 -19.20 -18.15 16.30
N PHE B 519 -18.87 -16.87 16.19
CA PHE B 519 -17.78 -16.31 16.99
C PHE B 519 -18.19 -15.27 18.04
N ARG B 520 -19.47 -15.25 18.40
CA ARG B 520 -19.95 -14.33 19.42
C ARG B 520 -19.38 -14.69 20.79
N LYS B 521 -18.88 -13.69 21.49
CA LYS B 521 -18.25 -13.84 22.81
C LYS B 521 -19.05 -13.13 23.90
N ASP B 522 -18.96 -13.64 25.13
CA ASP B 522 -19.58 -13.00 26.29
C ASP B 522 -18.75 -11.83 26.81
N LYS B 523 -19.16 -11.23 27.92
CA LYS B 523 -18.43 -10.12 28.53
C LYS B 523 -16.95 -10.42 28.79
N ASN B 524 -16.66 -11.65 29.22
CA ASN B 524 -15.30 -12.09 29.56
C ASN B 524 -14.44 -12.49 28.36
N GLY B 525 -15.01 -12.36 27.15
CA GLY B 525 -14.33 -12.73 25.91
C GLY B 525 -14.35 -14.23 25.65
N LYS B 526 -15.28 -14.94 26.28
CA LYS B 526 -15.43 -16.38 26.12
C LYS B 526 -16.47 -16.66 25.04
N PHE B 527 -16.15 -17.54 24.10
CA PHE B 527 -17.09 -17.89 23.02
C PHE B 527 -18.39 -18.43 23.60
N LEU B 528 -19.50 -18.00 23.03
CA LEU B 528 -20.84 -18.43 23.45
C LEU B 528 -21.29 -19.73 22.78
N TRP B 529 -20.66 -20.09 21.66
CA TRP B 529 -21.08 -21.22 20.84
C TRP B 529 -19.90 -22.18 20.61
N PRO B 530 -20.11 -23.50 20.85
CA PRO B 530 -19.06 -24.52 20.73
C PRO B 530 -18.53 -24.73 19.30
N GLY B 531 -19.35 -24.38 18.30
CA GLY B 531 -18.95 -24.47 16.91
C GLY B 531 -18.55 -25.87 16.45
N PHE B 532 -17.71 -25.91 15.41
CA PHE B 532 -17.31 -27.15 14.72
C PHE B 532 -18.52 -28.01 14.36
N GLY B 533 -18.46 -29.32 14.63
CA GLY B 533 -19.57 -30.21 14.31
C GLY B 533 -20.91 -29.78 14.89
N GLU B 534 -20.87 -28.89 15.88
CA GLU B 534 -22.07 -28.41 16.55
C GLU B 534 -22.83 -27.41 15.70
N ASN B 535 -22.13 -26.83 14.72
CA ASN B 535 -22.77 -25.95 13.73
C ASN B 535 -23.86 -26.68 12.92
N SER B 536 -23.86 -28.01 12.96
CA SER B 536 -24.92 -28.83 12.35
C SER B 536 -26.31 -28.52 12.92
N ARG B 537 -26.35 -28.02 14.16
CA ARG B 537 -27.60 -27.61 14.82
C ARG B 537 -28.21 -26.37 14.16
N VAL B 538 -27.35 -25.46 13.71
CA VAL B 538 -27.79 -24.29 12.94
C VAL B 538 -28.21 -24.68 11.52
N LEU B 539 -27.47 -25.59 10.89
CA LEU B 539 -27.84 -26.06 9.55
C LEU B 539 -29.23 -26.73 9.57
N GLU B 540 -29.53 -27.44 10.65
CA GLU B 540 -30.85 -28.08 10.81
C GLU B 540 -31.98 -27.05 10.73
N TRP B 541 -31.82 -25.95 11.47
CA TRP B 541 -32.82 -24.88 11.48
C TRP B 541 -33.01 -24.28 10.09
N MET B 542 -31.90 -24.00 9.39
CA MET B 542 -31.93 -23.50 8.01
C MET B 542 -32.70 -24.44 7.09
N PHE B 543 -32.42 -25.74 7.22
CA PHE B 543 -33.07 -26.77 6.42
C PHE B 543 -34.59 -26.76 6.63
N GLY B 544 -35.00 -26.68 7.90
CA GLY B 544 -36.41 -26.58 8.28
C GLY B 544 -37.05 -25.34 7.69
N ARG B 545 -36.34 -24.21 7.76
CA ARG B 545 -36.84 -22.96 7.23
C ARG B 545 -37.05 -23.00 5.71
N ILE B 546 -36.09 -23.57 4.97
CA ILE B 546 -36.27 -23.84 3.52
C ILE B 546 -37.48 -24.72 3.23
N GLU B 547 -37.80 -25.62 4.15
CA GLU B 547 -38.99 -26.47 4.02
C GLU B 547 -40.29 -25.73 4.33
N GLY B 548 -40.17 -24.59 5.02
CA GLY B 548 -41.32 -23.74 5.35
C GLY B 548 -41.84 -23.98 6.76
N GLU B 549 -40.99 -24.52 7.63
CA GLU B 549 -41.38 -24.78 9.02
C GLU B 549 -41.56 -23.48 9.80
N ASP B 550 -42.63 -23.42 10.59
CA ASP B 550 -42.97 -22.26 11.41
C ASP B 550 -42.02 -22.19 12.62
N SER B 551 -40.72 -22.00 12.35
CA SER B 551 -39.69 -22.06 13.40
C SER B 551 -38.95 -20.74 13.60
N ALA B 552 -39.50 -19.66 13.06
CA ALA B 552 -38.84 -18.37 13.07
C ALA B 552 -39.64 -17.30 13.79
N LYS B 553 -38.91 -16.41 14.42
CA LYS B 553 -39.46 -15.25 15.11
C LYS B 553 -38.90 -14.01 14.40
N LEU B 554 -39.78 -13.06 14.08
CA LEU B 554 -39.38 -11.85 13.38
C LEU B 554 -38.65 -10.88 14.33
N THR B 555 -37.55 -10.31 13.87
CA THR B 555 -36.81 -9.28 14.60
C THR B 555 -36.45 -8.13 13.65
N PRO B 556 -35.94 -6.99 14.18
CA PRO B 556 -35.55 -5.91 13.28
C PRO B 556 -34.49 -6.27 12.21
N ILE B 557 -33.65 -7.27 12.47
CA ILE B 557 -32.56 -7.60 11.55
C ILE B 557 -32.91 -8.76 10.62
N GLY B 558 -34.08 -9.35 10.84
CA GLY B 558 -34.51 -10.54 10.11
C GLY B 558 -35.09 -11.58 11.05
N TYR B 559 -35.33 -12.78 10.54
CA TYR B 559 -35.85 -13.89 11.32
C TYR B 559 -34.75 -14.59 12.10
N VAL B 560 -35.03 -14.89 13.37
CA VAL B 560 -34.16 -15.76 14.17
C VAL B 560 -34.93 -17.01 14.60
N PRO B 561 -34.23 -18.05 15.07
CA PRO B 561 -34.97 -19.22 15.58
C PRO B 561 -35.86 -18.88 16.75
N LYS B 562 -37.03 -19.51 16.81
CA LYS B 562 -37.90 -19.43 17.98
C LYS B 562 -37.21 -20.00 19.21
N GLU B 563 -37.73 -19.63 20.37
CA GLU B 563 -37.45 -20.33 21.62
C GLU B 563 -37.76 -21.82 21.42
N ASP B 564 -36.80 -22.66 21.80
CA ASP B 564 -36.91 -24.13 21.70
C ASP B 564 -36.77 -24.69 20.27
N ALA B 565 -36.64 -23.82 19.28
CA ALA B 565 -36.55 -24.23 17.87
C ALA B 565 -35.21 -24.88 17.52
N LEU B 566 -34.14 -24.45 18.18
CA LEU B 566 -32.81 -24.99 17.98
C LEU B 566 -32.58 -26.22 18.85
N ASN B 567 -32.20 -27.35 18.23
CA ASN B 567 -31.84 -28.56 18.95
C ASN B 567 -30.55 -28.34 19.73
N LEU B 568 -30.67 -28.19 21.04
CA LEU B 568 -29.52 -27.96 21.92
C LEU B 568 -29.26 -29.13 22.87
N LYS B 569 -29.80 -30.30 22.52
CA LYS B 569 -29.62 -31.52 23.31
C LYS B 569 -28.15 -31.91 23.30
N GLY B 570 -27.60 -32.17 24.48
CA GLY B 570 -26.18 -32.50 24.62
C GLY B 570 -25.38 -31.31 25.11
N LEU B 571 -25.95 -30.12 24.93
CA LEU B 571 -25.37 -28.88 25.45
C LEU B 571 -26.46 -27.94 25.98
N GLY B 572 -26.99 -28.24 27.16
CA GLY B 572 -27.94 -27.34 27.83
C GLY B 572 -27.22 -26.22 28.55
N ASP B 573 -25.97 -26.00 28.15
CA ASP B 573 -25.02 -25.10 28.81
C ASP B 573 -25.02 -23.74 28.12
N VAL B 574 -25.53 -23.73 26.90
CA VAL B 574 -25.47 -22.56 26.02
C VAL B 574 -26.56 -21.52 26.34
N ASN B 575 -26.14 -20.26 26.37
CA ASN B 575 -26.99 -19.13 26.69
C ASN B 575 -27.62 -18.56 25.42
N VAL B 576 -28.85 -18.96 25.13
CA VAL B 576 -29.54 -18.52 23.91
C VAL B 576 -29.96 -17.06 23.95
N GLU B 577 -30.27 -16.56 25.15
CA GLU B 577 -30.63 -15.17 25.34
C GLU B 577 -29.47 -14.27 24.90
N GLU B 578 -28.25 -14.65 25.28
CA GLU B 578 -27.06 -13.90 24.92
C GLU B 578 -26.63 -14.14 23.47
N LEU B 579 -26.77 -15.38 23.02
CA LEU B 579 -26.44 -15.76 21.64
C LEU B 579 -27.28 -15.00 20.62
N PHE B 580 -28.56 -14.86 20.90
CA PHE B 580 -29.50 -14.23 19.99
C PHE B 580 -29.92 -12.83 20.44
N GLY B 581 -29.27 -12.33 21.49
CA GLY B 581 -29.46 -10.96 21.96
C GLY B 581 -29.29 -9.95 20.85
N ILE B 582 -30.22 -9.00 20.78
CA ILE B 582 -30.19 -7.93 19.80
C ILE B 582 -30.32 -6.60 20.54
N SER B 583 -29.25 -5.82 20.51
CA SER B 583 -29.18 -4.55 21.20
C SER B 583 -29.42 -3.37 20.25
N LYS B 584 -30.40 -2.52 20.56
CA LYS B 584 -30.64 -1.29 19.81
C LYS B 584 -29.36 -0.47 19.67
N GLU B 585 -28.63 -0.33 20.77
CA GLU B 585 -27.41 0.46 20.83
C GLU B 585 -26.35 -0.07 19.85
N PHE B 586 -26.16 -1.38 19.84
CA PHE B 586 -25.18 -2.00 18.95
C PHE B 586 -25.62 -1.84 17.50
N TRP B 587 -26.92 -2.02 17.25
CA TRP B 587 -27.41 -2.02 15.88
C TRP B 587 -27.57 -0.63 15.28
N GLU B 588 -27.78 0.38 16.12
CA GLU B 588 -27.73 1.76 15.65
C GLU B 588 -26.33 2.07 15.14
N LYS B 589 -25.31 1.65 15.90
CA LYS B 589 -23.92 1.80 15.52
CA LYS B 589 -23.92 1.82 15.51
C LYS B 589 -23.61 1.05 14.22
N GLU B 590 -24.14 -0.17 14.11
CA GLU B 590 -23.90 -1.02 12.94
C GLU B 590 -24.44 -0.41 11.65
N VAL B 591 -25.67 0.08 11.69
CA VAL B 591 -26.28 0.66 10.50
CA VAL B 591 -26.34 0.71 10.56
C VAL B 591 -25.57 1.94 10.07
N GLU B 592 -25.05 2.69 11.03
CA GLU B 592 -24.27 3.89 10.73
C GLU B 592 -22.98 3.52 9.99
N GLU B 593 -22.27 2.49 10.47
CA GLU B 593 -21.04 2.05 9.81
C GLU B 593 -21.31 1.50 8.40
N ILE B 594 -22.38 0.72 8.27
CA ILE B 594 -22.79 0.21 6.94
C ILE B 594 -23.13 1.41 6.02
N ASP B 595 -23.86 2.38 6.54
CA ASP B 595 -24.23 3.60 5.81
C ASP B 595 -22.96 4.30 5.31
N LYS B 596 -22.04 4.59 6.22
CA LYS B 596 -20.80 5.29 5.89
C LYS B 596 -19.98 4.55 4.84
N TYR B 597 -19.93 3.22 4.98
CA TYR B 597 -19.20 2.36 4.06
C TYR B 597 -19.79 2.36 2.64
N LEU B 598 -21.09 2.08 2.53
CA LEU B 598 -21.78 2.06 1.24
C LEU B 598 -21.71 3.40 0.53
N GLU B 599 -21.93 4.49 1.27
CA GLU B 599 -21.87 5.84 0.72
C GLU B 599 -20.50 6.14 0.11
N ASP B 600 -19.43 5.90 0.85
CA ASP B 600 -18.08 6.20 0.37
C ASP B 600 -17.68 5.25 -0.74
N GLN B 601 -17.78 3.96 -0.46
CA GLN B 601 -17.17 2.94 -1.31
C GLN B 601 -17.96 2.60 -2.57
N VAL B 602 -19.30 2.73 -2.49
CA VAL B 602 -20.16 2.39 -3.63
C VAL B 602 -20.70 3.67 -4.28
N ASN B 603 -21.01 4.69 -3.46
CA ASN B 603 -21.29 6.04 -3.94
C ASN B 603 -22.38 6.09 -5.03
N ALA B 604 -22.07 6.65 -6.20
CA ALA B 604 -23.05 6.83 -7.28
C ALA B 604 -23.58 5.51 -7.83
N ASP B 605 -22.86 4.42 -7.56
CA ASP B 605 -23.22 3.11 -8.12
C ASP B 605 -24.00 2.22 -7.16
N LEU B 606 -24.48 2.77 -6.04
CA LEU B 606 -25.27 1.99 -5.10
C LEU B 606 -26.69 1.88 -5.63
N PRO B 607 -27.17 0.63 -5.86
CA PRO B 607 -28.57 0.53 -6.29
C PRO B 607 -29.56 1.06 -5.25
N TYR B 608 -30.65 1.61 -5.77
CA TYR B 608 -31.75 2.14 -4.97
C TYR B 608 -32.28 1.11 -3.97
N GLU B 609 -32.46 -0.13 -4.42
CA GLU B 609 -32.96 -1.20 -3.55
C GLU B 609 -32.09 -1.46 -2.30
N ILE B 610 -30.77 -1.30 -2.43
CA ILE B 610 -29.84 -1.49 -1.30
CA ILE B 610 -29.85 -1.48 -1.30
C ILE B 610 -29.95 -0.32 -0.32
N GLU B 611 -30.00 0.90 -0.87
CA GLU B 611 -30.21 2.11 -0.07
CA GLU B 611 -30.22 2.11 -0.08
C GLU B 611 -31.54 1.99 0.68
N ARG B 612 -32.57 1.46 -0.01
CA ARG B 612 -33.87 1.26 0.60
C ARG B 612 -33.81 0.25 1.74
N GLU B 613 -33.12 -0.87 1.52
CA GLU B 613 -32.95 -1.87 2.58
C GLU B 613 -32.22 -1.28 3.79
N LEU B 614 -31.25 -0.41 3.54
CA LEU B 614 -30.52 0.27 4.61
C LEU B 614 -31.44 1.19 5.43
N ARG B 615 -32.21 2.03 4.72
CA ARG B 615 -33.23 2.89 5.34
CA ARG B 615 -33.23 2.88 5.33
C ARG B 615 -34.21 2.08 6.18
N ALA B 616 -34.71 0.98 5.61
CA ALA B 616 -35.69 0.11 6.27
C ALA B 616 -35.16 -0.48 7.58
N LEU B 617 -33.92 -0.97 7.55
CA LEU B 617 -33.27 -1.53 8.74
C LEU B 617 -33.11 -0.45 9.82
N LYS B 618 -32.63 0.74 9.43
CA LYS B 618 -32.52 1.87 10.34
CA LYS B 618 -32.52 1.87 10.33
C LYS B 618 -33.85 2.15 11.02
N GLN B 619 -34.94 2.10 10.23
CA GLN B 619 -36.29 2.37 10.73
C GLN B 619 -36.75 1.33 11.74
N ARG B 620 -36.52 0.06 11.43
CA ARG B 620 -36.89 -1.04 12.33
C ARG B 620 -36.13 -0.97 13.66
N ILE B 621 -34.84 -0.63 13.60
N ILE B 621 -34.84 -0.63 13.59
CA ILE B 621 -34.03 -0.44 14.80
CA ILE B 621 -34.01 -0.42 14.78
C ILE B 621 -34.54 0.77 15.60
C ILE B 621 -34.50 0.78 15.59
N SER B 622 -34.93 1.83 14.91
CA SER B 622 -35.45 3.04 15.57
C SER B 622 -36.72 2.76 16.38
N GLN B 623 -37.46 1.74 15.98
CA GLN B 623 -38.73 1.38 16.62
C GLN B 623 -38.62 0.37 17.76
N MET B 624 -37.42 -0.08 18.11
CA MET B 624 -37.25 -0.98 19.26
C MET B 624 -37.03 -0.19 20.58
P PGA C . 14.87 19.13 6.31
P PGA C . 15.81 20.97 6.83
O1P PGA C . 16.25 18.81 5.56
O1P PGA C . 17.24 20.31 6.41
O2P PGA C . 14.80 20.61 6.57
O2P PGA C . 16.07 21.90 8.00
O3P PGA C . 14.84 18.37 7.61
O3P PGA C . 14.86 19.89 7.26
O4P PGA C . 13.68 18.71 5.48
O4P PGA C . 15.22 21.72 5.67
C2 PGA C . 16.35 18.69 4.17
C2 PGA C . 17.71 20.31 5.08
C1 PGA C . 17.36 19.67 3.66
C1 PGA C . 19.23 20.28 5.06
O1 PGA C . 17.01 20.49 2.79
O1 PGA C . 19.91 20.81 5.98
O2 PGA C . 18.54 19.70 4.08
O2 PGA C . 19.83 19.72 4.12
MN MN D . 11.46 19.37 5.36
MN MN E . -13.44 33.60 -1.67
NA NA F . 34.83 13.03 5.11
P PGA G . -7.48 -18.59 0.20
P PGA G . -6.63 -17.13 -0.31
O1P PGA G . -6.13 -19.01 -0.56
O1P PGA G . -5.14 -16.91 -0.89
O2P PGA G . -7.54 -19.41 1.47
O2P PGA G . -7.48 -15.96 -0.71
O3P PGA G . -8.71 -18.88 -0.64
O3P PGA G . -6.58 -17.21 1.19
O4P PGA G . -7.45 -17.12 0.54
O4P PGA G . -7.23 -18.39 -0.90
C2 PGA G . -6.08 -19.13 -1.97
C2 PGA G . -4.28 -18.02 -1.04
C1 PGA G . -5.08 -18.17 -2.55
C1 PGA G . -2.85 -17.56 -1.11
O1 PGA G . -5.47 -17.36 -3.41
O1 PGA G . -2.26 -17.13 -0.10
O2 PGA G . -3.87 -18.16 -2.22
O2 PGA G . -2.25 -17.59 -2.20
MN MN H . -10.79 -18.39 -0.82
MN MN I . -35.80 -4.73 -8.36
NA NA J . 12.34 -24.53 -1.08
#